data_5FUQ
#
_entry.id   5FUQ
#
_cell.length_a   104.828
_cell.length_b   104.828
_cell.length_c   201.908
_cell.angle_alpha   90.00
_cell.angle_beta   90.00
_cell.angle_gamma   90.00
#
_symmetry.space_group_name_H-M   'P 41 21 2'
#
loop_
_entity.id
_entity.type
_entity.pdbx_description
1 polymer 'NAD(P)H DEHYDROGENASE [QUINONE] 1'
2 non-polymer 'FLAVIN-ADENINE DINUCLEOTIDE'
3 non-polymer BISHYDROXY[2H-1-BENZOPYRAN-2-ONE,1,2-BENZOPYRONE]
4 non-polymer 'ACETATE ION'
5 water water
#
_entity_poly.entity_id   1
_entity_poly.type   'polypeptide(L)'
_entity_poly.pdbx_seq_one_letter_code
;MVGRRALIVLAHSERTSFNYAMKEAAAAALKKKGWEVVESDLYAMNFNPIISRKDITGKLKDPANFQYPAESVLAYKEGR
LSPDIVAEQKKLEAADLVIFQFPLQWFGVPAILKGWFERVFIGEFAYTYAAMYDKGPFRSKKAVLSITTGGSGSMYSLQG
IHGDMNVILWPIQSGILHFCGFQVLEPQLTYSIGHTPADARIQILEGWKKRLENIWDETPLYFAPSSLFDLNFQAGFLMK
KEVQDEEKNKKFGLSVGHHLGKSIPTDNQIKARK
;
_entity_poly.pdbx_strand_id   A,B
#
loop_
_chem_comp.id
_chem_comp.type
_chem_comp.name
_chem_comp.formula
ACT non-polymer 'ACETATE ION' 'C2 H3 O2 -1'
DTC non-polymer BISHYDROXY[2H-1-BENZOPYRAN-2-ONE,1,2-BENZOPYRONE] 'C19 H12 O6'
FAD non-polymer 'FLAVIN-ADENINE DINUCLEOTIDE' 'C27 H33 N9 O15 P2'
#
# COMPACT_ATOMS: atom_id res chain seq x y z
N MET A 1 -29.33 17.92 7.70
CA MET A 1 -28.32 17.41 6.76
C MET A 1 -28.98 16.76 5.54
N VAL A 2 -30.31 16.91 5.43
CA VAL A 2 -31.04 16.38 4.28
C VAL A 2 -30.60 17.14 3.03
N GLY A 3 -30.27 16.39 1.99
CA GLY A 3 -29.65 16.92 0.80
C GLY A 3 -28.25 16.39 0.55
N ARG A 4 -27.54 15.96 1.60
CA ARG A 4 -26.18 15.47 1.45
C ARG A 4 -26.14 13.95 1.37
N ARG A 5 -25.11 13.45 0.71
CA ARG A 5 -25.05 12.06 0.30
C ARG A 5 -23.73 11.42 0.68
N ALA A 6 -23.81 10.17 1.12
CA ALA A 6 -22.65 9.42 1.57
C ALA A 6 -22.59 8.12 0.80
N LEU A 7 -21.36 7.67 0.58
CA LEU A 7 -21.06 6.37 0.00
C LEU A 7 -20.19 5.62 0.99
N ILE A 8 -20.60 4.42 1.38
CA ILE A 8 -19.80 3.58 2.26
C ILE A 8 -19.26 2.41 1.44
N VAL A 9 -17.94 2.34 1.31
CA VAL A 9 -17.26 1.23 0.64
C VAL A 9 -16.74 0.32 1.73
N LEU A 10 -17.18 -0.94 1.73
CA LEU A 10 -16.79 -1.92 2.74
C LEU A 10 -15.99 -3.03 2.04
N ALA A 11 -14.87 -3.42 2.66
CA ALA A 11 -14.03 -4.50 2.14
C ALA A 11 -13.87 -5.56 3.22
N HIS A 12 -14.93 -6.36 3.44
CA HIS A 12 -14.86 -7.50 4.36
C HIS A 12 -15.89 -8.54 3.94
N SER A 13 -15.47 -9.81 3.92
CA SER A 13 -16.36 -10.84 3.43
C SER A 13 -17.46 -11.23 4.41
N GLU A 14 -17.33 -10.94 5.70
CA GLU A 14 -18.20 -11.55 6.71
C GLU A 14 -19.19 -10.55 7.28
N ARG A 15 -20.49 -10.89 7.18
N ARG A 15 -20.48 -10.89 7.21
CA ARG A 15 -21.54 -10.12 7.84
CA ARG A 15 -21.51 -10.08 7.84
C ARG A 15 -21.39 -10.13 9.35
C ARG A 15 -21.48 -10.18 9.35
N THR A 16 -20.78 -11.17 9.90
CA THR A 16 -20.59 -11.30 11.33
C THR A 16 -19.40 -10.48 11.84
N SER A 17 -18.69 -9.77 10.98
CA SER A 17 -17.48 -9.07 11.37
C SER A 17 -17.77 -7.76 12.08
N PHE A 18 -16.76 -7.26 12.80
CA PHE A 18 -16.89 -5.91 13.36
C PHE A 18 -16.90 -4.86 12.26
N ASN A 19 -16.18 -5.11 11.16
CA ASN A 19 -16.21 -4.20 10.01
C ASN A 19 -17.63 -4.03 9.50
N TYR A 20 -18.36 -5.14 9.34
CA TYR A 20 -19.74 -5.04 8.91
C TYR A 20 -20.59 -4.28 9.93
N ALA A 21 -20.36 -4.53 11.22
CA ALA A 21 -21.08 -3.78 12.26
C ALA A 21 -20.78 -2.28 12.15
N MET A 22 -19.51 -1.92 11.88
CA MET A 22 -19.17 -0.51 11.70
C MET A 22 -19.83 0.08 10.46
N LYS A 23 -19.95 -0.70 9.38
CA LYS A 23 -20.69 -0.21 8.21
C LYS A 23 -22.15 0.04 8.57
N GLU A 24 -22.77 -0.91 9.27
CA GLU A 24 -24.18 -0.77 9.63
C GLU A 24 -24.39 0.40 10.58
N ALA A 25 -23.49 0.57 11.54
CA ALA A 25 -23.60 1.71 12.46
C ALA A 25 -23.51 3.03 11.70
N ALA A 26 -22.59 3.11 10.73
CA ALA A 26 -22.42 4.33 9.95
C ALA A 26 -23.68 4.63 9.15
N ALA A 27 -24.21 3.63 8.44
CA ALA A 27 -25.41 3.84 7.64
C ALA A 27 -26.57 4.33 8.51
N ALA A 28 -26.77 3.71 9.68
CA ALA A 28 -27.88 4.10 10.53
C ALA A 28 -27.70 5.52 11.07
N ALA A 29 -26.48 5.87 11.49
CA ALA A 29 -26.31 7.19 12.12
C ALA A 29 -26.47 8.31 11.09
N LEU A 30 -25.94 8.12 9.88
CA LEU A 30 -26.07 9.13 8.83
C LEU A 30 -27.53 9.26 8.41
N LYS A 31 -28.22 8.13 8.20
CA LYS A 31 -29.62 8.19 7.80
C LYS A 31 -30.46 8.90 8.85
N LYS A 32 -30.15 8.70 10.13
CA LYS A 32 -30.90 9.38 11.19
C LYS A 32 -30.72 10.89 11.14
N LYS A 33 -29.61 11.36 10.59
CA LYS A 33 -29.36 12.78 10.39
C LYS A 33 -29.79 13.28 9.02
N GLY A 34 -30.54 12.48 8.25
CA GLY A 34 -31.06 12.92 6.99
C GLY A 34 -30.18 12.67 5.78
N TRP A 35 -29.02 12.05 5.96
CA TRP A 35 -28.17 11.69 4.82
C TRP A 35 -28.84 10.64 3.96
N GLU A 36 -28.66 10.76 2.65
CA GLU A 36 -28.84 9.62 1.76
C GLU A 36 -27.56 8.78 1.81
N VAL A 37 -27.74 7.46 1.90
CA VAL A 37 -26.60 6.55 2.08
C VAL A 37 -26.65 5.49 0.98
N VAL A 38 -25.55 5.38 0.24
CA VAL A 38 -25.35 4.32 -0.75
C VAL A 38 -24.16 3.48 -0.32
N GLU A 39 -24.15 2.21 -0.72
CA GLU A 39 -23.13 1.26 -0.28
C GLU A 39 -22.43 0.62 -1.47
N SER A 40 -21.15 0.34 -1.29
CA SER A 40 -20.43 -0.59 -2.16
C SER A 40 -19.80 -1.62 -1.24
N ASP A 41 -20.58 -2.67 -0.94
CA ASP A 41 -20.10 -3.83 -0.20
C ASP A 41 -19.40 -4.74 -1.20
N LEU A 42 -18.06 -4.62 -1.28
CA LEU A 42 -17.33 -5.15 -2.42
C LEU A 42 -17.42 -6.67 -2.50
N TYR A 43 -17.37 -7.37 -1.36
CA TYR A 43 -17.55 -8.81 -1.37
C TYR A 43 -18.98 -9.21 -1.73
N ALA A 44 -19.97 -8.53 -1.16
CA ALA A 44 -21.36 -8.91 -1.49
C ALA A 44 -21.68 -8.57 -2.95
N MET A 45 -21.02 -7.54 -3.51
CA MET A 45 -21.14 -7.24 -4.92
C MET A 45 -20.44 -8.25 -5.82
N ASN A 46 -19.57 -9.10 -5.25
CA ASN A 46 -18.67 -9.93 -6.06
C ASN A 46 -17.86 -9.06 -7.01
N PHE A 47 -17.44 -7.88 -6.52
CA PHE A 47 -16.77 -6.90 -7.36
C PHE A 47 -15.50 -7.48 -7.97
N ASN A 48 -15.32 -7.25 -9.26
CA ASN A 48 -14.11 -7.69 -9.96
C ASN A 48 -13.01 -6.67 -9.76
N PRO A 49 -11.88 -7.04 -9.09
CA PRO A 49 -10.87 -6.05 -8.73
C PRO A 49 -9.65 -5.93 -9.67
N ILE A 50 -9.63 -6.59 -10.82
CA ILE A 50 -8.43 -6.72 -11.64
C ILE A 50 -8.56 -5.86 -12.90
N ILE A 51 -7.72 -4.83 -13.04
CA ILE A 51 -7.77 -4.05 -14.28
C ILE A 51 -7.30 -4.91 -15.44
N SER A 52 -7.91 -4.71 -16.60
CA SER A 52 -7.57 -5.44 -17.82
C SER A 52 -8.28 -4.75 -18.98
N ARG A 53 -7.97 -5.23 -20.19
CA ARG A 53 -8.65 -4.67 -21.36
C ARG A 53 -10.14 -4.96 -21.37
N LYS A 54 -10.62 -5.93 -20.58
CA LYS A 54 -12.06 -6.15 -20.46
C LYS A 54 -12.77 -5.06 -19.67
N ASP A 55 -12.05 -4.08 -19.13
CA ASP A 55 -12.67 -2.89 -18.58
C ASP A 55 -13.17 -1.94 -19.66
N ILE A 56 -12.89 -2.22 -20.94
CA ILE A 56 -13.12 -1.31 -22.06
C ILE A 56 -13.85 -2.07 -23.16
N THR A 57 -14.94 -1.51 -23.64
CA THR A 57 -15.66 -2.09 -24.78
C THR A 57 -15.34 -1.29 -26.04
N GLY A 58 -15.79 -1.80 -27.17
CA GLY A 58 -15.61 -1.11 -28.44
C GLY A 58 -14.16 -1.09 -28.92
N LYS A 59 -13.92 -0.19 -29.87
CA LYS A 59 -12.65 -0.11 -30.57
C LYS A 59 -11.58 0.52 -29.66
N LEU A 60 -10.48 -0.19 -29.45
CA LEU A 60 -9.32 0.36 -28.77
C LEU A 60 -8.50 1.17 -29.76
N LYS A 61 -7.75 2.14 -29.22
N LYS A 61 -7.72 2.11 -29.23
CA LYS A 61 -6.91 2.96 -30.08
CA LYS A 61 -6.93 2.96 -30.12
C LYS A 61 -5.75 2.16 -30.64
C LYS A 61 -5.60 2.35 -30.52
N ASP A 62 -5.13 1.32 -29.81
CA ASP A 62 -3.95 0.55 -30.20
C ASP A 62 -4.00 -0.83 -29.57
N PRO A 63 -4.78 -1.75 -30.14
CA PRO A 63 -4.93 -3.07 -29.51
C PRO A 63 -3.65 -3.90 -29.55
N ALA A 64 -2.75 -3.62 -30.49
CA ALA A 64 -1.52 -4.42 -30.58
C ALA A 64 -0.55 -4.09 -29.46
N ASN A 65 -0.61 -2.87 -28.93
CA ASN A 65 0.23 -2.48 -27.78
C ASN A 65 -0.69 -1.79 -26.78
N PHE A 66 -1.42 -2.60 -26.03
CA PHE A 66 -2.40 -2.08 -25.09
C PHE A 66 -1.70 -1.39 -23.92
N GLN A 67 -2.11 -0.15 -23.65
CA GLN A 67 -1.62 0.62 -22.51
C GLN A 67 -2.85 1.09 -21.74
N TYR A 68 -3.02 0.58 -20.52
CA TYR A 68 -4.24 0.84 -19.78
C TYR A 68 -4.50 2.33 -19.54
N PRO A 69 -3.50 3.19 -19.18
CA PRO A 69 -3.80 4.61 -18.93
C PRO A 69 -4.47 5.28 -20.11
N ALA A 70 -3.82 5.24 -21.29
CA ALA A 70 -4.37 5.94 -22.45
C ALA A 70 -5.71 5.34 -22.87
N GLU A 71 -5.83 4.00 -22.84
CA GLU A 71 -7.04 3.35 -23.35
C GLU A 71 -8.22 3.59 -22.41
N SER A 72 -7.99 3.61 -21.10
CA SER A 72 -9.09 3.80 -20.15
C SER A 72 -9.53 5.26 -20.10
N VAL A 73 -8.58 6.20 -20.20
CA VAL A 73 -8.97 7.60 -20.30
C VAL A 73 -9.81 7.83 -21.55
N LEU A 74 -9.34 7.32 -22.70
CA LEU A 74 -10.12 7.45 -23.93
C LEU A 74 -11.48 6.78 -23.78
N ALA A 75 -11.53 5.61 -23.12
CA ALA A 75 -12.81 4.93 -22.94
C ALA A 75 -13.74 5.73 -22.05
N TYR A 76 -13.20 6.35 -21.00
CA TYR A 76 -14.04 7.21 -20.16
C TYR A 76 -14.63 8.35 -20.98
N LYS A 77 -13.80 9.01 -21.80
CA LYS A 77 -14.29 10.14 -22.59
C LYS A 77 -15.32 9.69 -23.63
N GLU A 78 -15.20 8.48 -24.17
CA GLU A 78 -16.10 8.02 -25.20
C GLU A 78 -17.24 7.15 -24.67
N GLY A 79 -17.36 7.00 -23.35
CA GLY A 79 -18.43 6.19 -22.80
C GLY A 79 -18.30 4.71 -23.07
N ARG A 80 -17.08 4.18 -23.12
CA ARG A 80 -16.84 2.78 -23.42
C ARG A 80 -16.28 2.00 -22.23
N LEU A 81 -16.48 2.48 -21.01
CA LEU A 81 -16.05 1.71 -19.85
C LEU A 81 -17.08 0.62 -19.53
N SER A 82 -16.60 -0.44 -18.90
CA SER A 82 -17.46 -1.55 -18.53
C SER A 82 -18.57 -1.05 -17.61
N PRO A 83 -19.79 -1.60 -17.70
CA PRO A 83 -20.90 -1.09 -16.89
C PRO A 83 -20.64 -1.13 -15.39
N ASP A 84 -19.93 -2.13 -14.89
CA ASP A 84 -19.73 -2.19 -13.44
C ASP A 84 -18.85 -1.04 -12.97
N ILE A 85 -17.90 -0.61 -13.80
CA ILE A 85 -17.09 0.56 -13.46
C ILE A 85 -17.94 1.82 -13.48
N VAL A 86 -18.74 1.98 -14.54
CA VAL A 86 -19.58 3.17 -14.70
C VAL A 86 -20.49 3.34 -13.48
N ALA A 87 -21.09 2.25 -13.00
CA ALA A 87 -21.99 2.35 -11.86
C ALA A 87 -21.27 2.86 -10.62
N GLU A 88 -20.05 2.39 -10.37
CA GLU A 88 -19.28 2.88 -9.22
C GLU A 88 -18.91 4.35 -9.37
N GLN A 89 -18.56 4.76 -10.59
CA GLN A 89 -18.23 6.15 -10.84
C GLN A 89 -19.44 7.05 -10.60
N LYS A 90 -20.64 6.57 -10.95
CA LYS A 90 -21.85 7.35 -10.67
CA LYS A 90 -21.83 7.37 -10.67
C LYS A 90 -22.11 7.45 -9.17
N LYS A 91 -21.83 6.39 -8.42
CA LYS A 91 -21.94 6.47 -6.97
C LYS A 91 -21.03 7.55 -6.43
N LEU A 92 -19.79 7.59 -6.90
CA LEU A 92 -18.82 8.60 -6.47
C LEU A 92 -19.27 10.01 -6.85
N GLU A 93 -19.76 10.19 -8.08
CA GLU A 93 -20.20 11.52 -8.51
C GLU A 93 -21.30 12.06 -7.61
N ALA A 94 -22.20 11.18 -7.15
CA ALA A 94 -23.31 11.64 -6.33
C ALA A 94 -22.87 11.96 -4.90
N ALA A 95 -21.85 11.28 -4.40
CA ALA A 95 -21.56 11.32 -2.97
C ALA A 95 -20.85 12.62 -2.58
N ASP A 96 -21.27 13.19 -1.44
CA ASP A 96 -20.50 14.25 -0.79
C ASP A 96 -19.41 13.67 0.10
N LEU A 97 -19.71 12.60 0.81
CA LEU A 97 -18.82 11.97 1.77
C LEU A 97 -18.62 10.52 1.38
N VAL A 98 -17.36 10.06 1.39
CA VAL A 98 -17.05 8.65 1.12
C VAL A 98 -16.33 8.08 2.33
N ILE A 99 -16.89 7.01 2.90
CA ILE A 99 -16.30 6.26 3.99
C ILE A 99 -15.72 4.96 3.45
N PHE A 100 -14.45 4.70 3.76
CA PHE A 100 -13.83 3.41 3.44
C PHE A 100 -13.67 2.61 4.74
N GLN A 101 -14.43 1.52 4.86
CA GLN A 101 -14.40 0.66 6.04
C GLN A 101 -13.69 -0.63 5.68
N PHE A 102 -12.57 -0.93 6.34
CA PHE A 102 -11.86 -2.15 5.99
C PHE A 102 -10.93 -2.57 7.12
N PRO A 103 -10.62 -3.86 7.23
CA PRO A 103 -9.52 -4.29 8.10
C PRO A 103 -8.19 -4.02 7.43
N LEU A 104 -7.22 -3.56 8.22
CA LEU A 104 -5.87 -3.43 7.70
C LEU A 104 -5.31 -4.81 7.35
N GLN A 105 -4.82 -4.95 6.12
CA GLN A 105 -4.27 -6.22 5.64
C GLN A 105 -2.90 -5.95 5.04
N TRP A 106 -1.88 -6.59 5.59
CA TRP A 106 -0.50 -6.39 5.14
C TRP A 106 -0.19 -4.89 5.03
N PHE A 107 -0.59 -4.16 6.08
CA PHE A 107 -0.28 -2.75 6.26
C PHE A 107 -0.89 -1.87 5.17
N GLY A 108 -1.99 -2.31 4.57
CA GLY A 108 -2.65 -1.52 3.55
C GLY A 108 -4.10 -1.91 3.39
N VAL A 109 -4.68 -1.51 2.25
CA VAL A 109 -6.06 -1.87 1.95
C VAL A 109 -6.14 -3.29 1.42
N PRO A 110 -7.21 -4.03 1.70
CA PRO A 110 -7.39 -5.34 1.05
C PRO A 110 -7.30 -5.23 -0.46
N ALA A 111 -6.86 -6.32 -1.09
CA ALA A 111 -6.70 -6.37 -2.54
C ALA A 111 -8.00 -5.99 -3.27
N ILE A 112 -9.14 -6.46 -2.77
CA ILE A 112 -10.39 -6.16 -3.47
C ILE A 112 -10.66 -4.66 -3.47
N LEU A 113 -10.27 -3.95 -2.39
CA LEU A 113 -10.43 -2.51 -2.35
C LEU A 113 -9.35 -1.80 -3.18
N LYS A 114 -8.11 -2.30 -3.15
CA LYS A 114 -7.08 -1.75 -4.01
C LYS A 114 -7.51 -1.78 -5.46
N GLY A 115 -8.10 -2.90 -5.90
CA GLY A 115 -8.54 -3.01 -7.29
C GLY A 115 -9.73 -2.11 -7.61
N TRP A 116 -10.61 -1.89 -6.63
CA TRP A 116 -11.66 -0.91 -6.80
C TRP A 116 -11.06 0.45 -7.16
N PHE A 117 -10.07 0.93 -6.39
CA PHE A 117 -9.40 2.18 -6.77
C PHE A 117 -8.84 2.09 -8.17
N GLU A 118 -8.19 0.97 -8.50
CA GLU A 118 -7.52 0.86 -9.81
C GLU A 118 -8.54 0.89 -10.96
N ARG A 119 -9.67 0.19 -10.82
CA ARG A 119 -10.65 0.13 -11.91
C ARG A 119 -11.56 1.36 -11.95
N VAL A 120 -11.83 1.99 -10.81
CA VAL A 120 -12.85 3.05 -10.73
C VAL A 120 -12.23 4.44 -10.83
N PHE A 121 -11.06 4.66 -10.23
CA PHE A 121 -10.41 5.98 -10.27
C PHE A 121 -9.66 6.14 -11.60
N ILE A 122 -10.43 6.30 -12.69
CA ILE A 122 -9.86 6.43 -14.03
C ILE A 122 -9.41 7.86 -14.27
N GLY A 123 -8.31 8.01 -15.02
CA GLY A 123 -7.86 9.35 -15.39
C GLY A 123 -8.98 10.16 -16.04
N GLU A 124 -8.89 11.47 -15.84
CA GLU A 124 -9.87 12.46 -16.27
C GLU A 124 -11.12 12.43 -15.39
N PHE A 125 -11.62 11.23 -15.06
CA PHE A 125 -12.77 11.17 -14.15
C PHE A 125 -12.36 11.48 -12.71
N ALA A 126 -11.30 10.84 -12.22
CA ALA A 126 -10.91 10.96 -10.82
C ALA A 126 -9.67 11.83 -10.61
N TYR A 127 -8.88 12.08 -11.63
CA TYR A 127 -7.65 12.86 -11.46
C TYR A 127 -7.22 13.37 -12.82
N THR A 128 -6.49 14.49 -12.82
CA THR A 128 -5.85 14.96 -14.05
C THR A 128 -4.46 15.48 -13.72
N TYR A 129 -3.55 15.33 -14.68
CA TYR A 129 -2.21 15.87 -14.49
C TYR A 129 -2.23 17.39 -14.37
N ALA A 130 -3.20 18.05 -15.01
CA ALA A 130 -3.27 19.50 -14.97
C ALA A 130 -3.89 20.05 -13.69
N ALA A 131 -4.41 19.20 -12.81
CA ALA A 131 -5.09 19.65 -11.61
C ALA A 131 -4.93 18.60 -10.52
N MET A 132 -3.68 18.33 -10.14
CA MET A 132 -3.38 17.31 -9.15
C MET A 132 -3.79 17.77 -7.76
N TYR A 133 -4.02 16.79 -6.87
CA TYR A 133 -4.15 17.01 -5.43
C TYR A 133 -5.27 18.02 -5.20
N ASP A 134 -5.03 19.17 -4.54
CA ASP A 134 -6.16 19.97 -4.06
C ASP A 134 -6.97 20.62 -5.19
N LYS A 135 -6.51 20.59 -6.43
CA LYS A 135 -7.33 21.05 -7.55
C LYS A 135 -8.06 19.91 -8.26
N GLY A 136 -7.96 18.68 -7.74
CA GLY A 136 -8.53 17.53 -8.39
C GLY A 136 -10.04 17.51 -8.46
N PRO A 137 -10.58 16.56 -9.24
CA PRO A 137 -12.03 16.49 -9.45
C PRO A 137 -12.86 16.27 -8.18
N PHE A 138 -12.30 15.65 -7.14
CA PHE A 138 -13.10 15.36 -5.95
C PHE A 138 -12.97 16.43 -4.87
N ARG A 139 -12.51 17.64 -5.24
CA ARG A 139 -12.20 18.65 -4.24
C ARG A 139 -13.42 19.15 -3.47
N SER A 140 -14.64 18.91 -3.96
CA SER A 140 -15.84 19.25 -3.21
C SER A 140 -16.29 18.14 -2.28
N LYS A 141 -15.59 17.02 -2.26
CA LYS A 141 -15.97 15.86 -1.47
C LYS A 141 -15.00 15.67 -0.31
N LYS A 142 -15.42 14.90 0.67
CA LYS A 142 -14.57 14.48 1.78
C LYS A 142 -14.55 12.96 1.87
N ALA A 143 -13.39 12.43 2.26
CA ALA A 143 -13.21 11.00 2.43
C ALA A 143 -12.64 10.72 3.81
N VAL A 144 -12.93 9.53 4.33
CA VAL A 144 -12.39 9.10 5.62
C VAL A 144 -12.13 7.60 5.57
N LEU A 145 -11.00 7.19 6.13
CA LEU A 145 -10.70 5.78 6.33
C LEU A 145 -11.17 5.36 7.73
N SER A 146 -11.89 4.25 7.81
CA SER A 146 -12.26 3.63 9.08
C SER A 146 -11.59 2.25 9.06
N ILE A 147 -10.51 2.11 9.83
CA ILE A 147 -9.64 0.94 9.77
C ILE A 147 -9.74 0.19 11.10
N THR A 148 -9.77 -1.14 11.01
CA THR A 148 -9.58 -1.99 12.18
C THR A 148 -8.25 -2.73 12.01
N THR A 149 -7.56 -2.97 13.12
CA THR A 149 -6.29 -3.67 13.06
C THR A 149 -6.27 -4.82 14.05
N GLY A 150 -5.42 -5.81 13.77
CA GLY A 150 -5.10 -6.81 14.76
C GLY A 150 -4.11 -6.25 15.77
N GLY A 151 -3.11 -5.48 15.30
CA GLY A 151 -2.09 -4.99 16.20
C GLY A 151 -2.61 -3.94 17.16
N SER A 152 -1.93 -3.80 18.30
CA SER A 152 -2.34 -2.83 19.31
C SER A 152 -1.82 -1.44 18.98
N GLY A 153 -2.45 -0.44 19.60
CA GLY A 153 -2.07 0.94 19.34
C GLY A 153 -0.61 1.23 19.63
N SER A 154 -0.08 0.67 20.72
CA SER A 154 1.33 0.94 21.05
C SER A 154 2.28 0.37 20.00
N MET A 155 1.89 -0.74 19.34
CA MET A 155 2.73 -1.31 18.28
C MET A 155 2.93 -0.33 17.14
N TYR A 156 2.00 0.61 16.95
CA TYR A 156 2.02 1.56 15.85
C TYR A 156 2.42 2.96 16.30
N SER A 157 2.84 3.14 17.55
CA SER A 157 3.35 4.40 18.03
C SER A 157 4.77 4.61 17.51
N LEU A 158 5.36 5.77 17.82
CA LEU A 158 6.67 6.08 17.28
C LEU A 158 7.72 5.06 17.74
N GLN A 159 7.57 4.50 18.94
CA GLN A 159 8.50 3.54 19.50
C GLN A 159 8.04 2.10 19.33
N GLY A 160 6.89 1.87 18.68
CA GLY A 160 6.37 0.52 18.56
C GLY A 160 7.03 -0.29 17.46
N ILE A 161 6.88 -1.61 17.57
CA ILE A 161 7.60 -2.55 16.72
C ILE A 161 7.29 -2.33 15.24
N HIS A 162 6.03 -2.01 14.90
CA HIS A 162 5.67 -1.81 13.49
C HIS A 162 6.06 -0.44 12.97
N GLY A 163 6.34 0.52 13.84
CA GLY A 163 6.63 1.88 13.40
C GLY A 163 5.37 2.75 13.34
N ASP A 164 5.62 4.01 13.00
CA ASP A 164 4.59 5.06 13.02
C ASP A 164 3.45 4.77 12.06
N MET A 165 2.22 4.68 12.59
CA MET A 165 1.04 4.51 11.73
C MET A 165 0.88 5.67 10.74
N ASN A 166 1.37 6.87 11.09
CA ASN A 166 1.30 7.99 10.16
C ASN A 166 2.02 7.69 8.84
N VAL A 167 3.11 6.94 8.90
CA VAL A 167 3.82 6.57 7.67
C VAL A 167 3.00 5.59 6.84
N ILE A 168 2.37 4.63 7.52
CA ILE A 168 1.57 3.60 6.84
C ILE A 168 0.36 4.24 6.16
N LEU A 169 -0.22 5.27 6.78
CA LEU A 169 -1.40 5.91 6.21
C LEU A 169 -1.07 6.78 4.99
N TRP A 170 0.14 7.33 4.92
CA TRP A 170 0.44 8.35 3.92
C TRP A 170 0.12 7.93 2.48
N PRO A 171 0.54 6.76 1.98
CA PRO A 171 0.26 6.44 0.56
C PRO A 171 -1.21 6.33 0.25
N ILE A 172 -2.04 5.96 1.22
CA ILE A 172 -3.48 5.83 0.97
C ILE A 172 -4.14 7.20 1.01
N GLN A 173 -3.88 7.98 2.08
CA GLN A 173 -4.60 9.22 2.30
C GLN A 173 -4.10 10.33 1.37
N SER A 174 -2.79 10.48 1.22
CA SER A 174 -2.27 11.48 0.29
C SER A 174 -2.33 10.98 -1.15
N GLY A 175 -1.85 9.75 -1.37
CA GLY A 175 -1.68 9.28 -2.73
C GLY A 175 -2.98 8.89 -3.42
N ILE A 176 -3.81 8.08 -2.76
CA ILE A 176 -5.04 7.65 -3.42
C ILE A 176 -6.14 8.70 -3.27
N LEU A 177 -6.40 9.15 -2.05
CA LEU A 177 -7.53 10.04 -1.82
C LEU A 177 -7.19 11.49 -2.21
N HIS A 178 -6.12 12.05 -1.65
CA HIS A 178 -5.90 13.48 -1.83
C HIS A 178 -5.49 13.79 -3.26
N PHE A 179 -4.78 12.89 -3.93
CA PHE A 179 -4.37 13.11 -5.31
C PHE A 179 -5.57 13.44 -6.19
N CYS A 180 -6.74 12.85 -5.88
CA CYS A 180 -7.96 13.08 -6.62
C CYS A 180 -8.70 14.34 -6.19
N GLY A 181 -8.26 15.01 -5.14
CA GLY A 181 -8.89 16.22 -4.66
C GLY A 181 -9.63 16.09 -3.36
N PHE A 182 -9.89 14.88 -2.88
CA PHE A 182 -10.59 14.71 -1.60
C PHE A 182 -9.93 15.53 -0.49
N GLN A 183 -10.75 16.21 0.29
CA GLN A 183 -10.34 16.55 1.65
C GLN A 183 -10.40 15.28 2.49
N VAL A 184 -9.33 14.95 3.20
CA VAL A 184 -9.25 13.70 3.95
C VAL A 184 -9.45 14.01 5.43
N LEU A 185 -10.45 13.36 6.03
CA LEU A 185 -10.75 13.57 7.43
C LEU A 185 -9.92 12.63 8.30
N GLU A 186 -9.83 12.94 9.60
CA GLU A 186 -9.06 12.11 10.51
C GLU A 186 -9.54 10.66 10.41
N PRO A 187 -8.63 9.69 10.28
CA PRO A 187 -9.08 8.30 10.16
C PRO A 187 -9.66 7.80 11.47
N GLN A 188 -10.60 6.87 11.37
CA GLN A 188 -11.18 6.22 12.53
C GLN A 188 -10.35 4.97 12.67
N LEU A 189 -9.51 4.93 13.68
CA LEU A 189 -8.57 3.83 13.90
C LEU A 189 -9.07 2.99 15.07
N THR A 190 -9.42 1.74 14.79
CA THR A 190 -9.87 0.80 15.81
C THR A 190 -8.80 -0.27 15.97
N TYR A 191 -7.93 -0.11 16.97
CA TYR A 191 -6.79 -1.00 17.18
C TYR A 191 -7.21 -2.29 17.91
N SER A 192 -6.38 -3.33 17.73
CA SER A 192 -6.51 -4.66 18.33
C SER A 192 -7.96 -5.08 18.55
N ILE A 193 -8.77 -5.05 17.48
CA ILE A 193 -10.19 -5.30 17.61
C ILE A 193 -10.48 -6.75 17.99
N GLY A 194 -9.58 -7.69 17.67
CA GLY A 194 -9.73 -9.07 18.11
C GLY A 194 -9.40 -9.32 19.57
N HIS A 195 -8.90 -8.30 20.28
CA HIS A 195 -8.61 -8.37 21.71
C HIS A 195 -9.31 -7.23 22.45
N THR A 196 -10.48 -6.84 21.96
CA THR A 196 -11.30 -5.83 22.61
C THR A 196 -12.57 -6.51 23.11
N PRO A 197 -12.83 -6.52 24.41
CA PRO A 197 -14.01 -7.23 24.91
C PRO A 197 -15.31 -6.59 24.45
N ALA A 198 -16.41 -7.33 24.66
CA ALA A 198 -17.70 -6.99 24.05
C ALA A 198 -18.21 -5.63 24.54
N ASP A 199 -18.13 -5.34 25.84
N ASP A 199 -18.13 -5.39 25.85
CA ASP A 199 -18.63 -4.06 26.32
CA ASP A 199 -18.53 -4.11 26.43
C ASP A 199 -17.88 -2.89 25.68
C ASP A 199 -17.87 -2.95 25.70
N ALA A 200 -16.56 -3.05 25.50
CA ALA A 200 -15.82 -1.98 24.83
C ALA A 200 -16.19 -1.86 23.36
N ARG A 201 -16.40 -3.00 22.68
CA ARG A 201 -16.76 -2.97 21.25
C ARG A 201 -18.07 -2.23 21.03
N ILE A 202 -19.05 -2.46 21.90
CA ILE A 202 -20.34 -1.78 21.76
C ILE A 202 -20.15 -0.27 21.86
N GLN A 203 -19.32 0.16 22.78
CA GLN A 203 -19.07 1.57 22.94
C GLN A 203 -18.32 2.14 21.74
N ILE A 204 -17.43 1.37 21.15
CA ILE A 204 -16.73 1.84 19.94
C ILE A 204 -17.74 2.15 18.84
N LEU A 205 -18.72 1.28 18.67
CA LEU A 205 -19.77 1.53 17.67
C LEU A 205 -20.55 2.80 18.00
N GLU A 206 -20.92 2.98 19.28
CA GLU A 206 -21.65 4.19 19.67
C GLU A 206 -20.80 5.45 19.46
N GLY A 207 -19.49 5.37 19.74
CA GLY A 207 -18.63 6.51 19.53
C GLY A 207 -18.52 6.87 18.05
N TRP A 208 -18.41 5.85 17.19
CA TRP A 208 -18.40 6.08 15.76
C TRP A 208 -19.69 6.76 15.30
N LYS A 209 -20.85 6.27 15.79
CA LYS A 209 -22.10 6.93 15.45
C LYS A 209 -22.13 8.37 15.95
N LYS A 210 -21.62 8.60 17.17
CA LYS A 210 -21.56 9.96 17.70
C LYS A 210 -20.72 10.87 16.81
N ARG A 211 -19.54 10.40 16.39
CA ARG A 211 -18.68 11.23 15.54
C ARG A 211 -19.39 11.60 14.24
N LEU A 212 -20.12 10.64 13.67
CA LEU A 212 -20.78 10.86 12.38
C LEU A 212 -21.89 11.90 12.45
N GLU A 213 -22.33 12.28 13.66
CA GLU A 213 -23.39 13.29 13.77
C GLU A 213 -22.93 14.67 13.29
N ASN A 214 -21.63 14.96 13.35
CA ASN A 214 -21.11 16.25 12.91
C ASN A 214 -19.89 16.10 12.02
N ILE A 215 -19.78 14.96 11.31
CA ILE A 215 -18.57 14.64 10.57
C ILE A 215 -18.26 15.72 9.53
N TRP A 216 -19.29 16.27 8.88
CA TRP A 216 -19.06 17.20 7.78
C TRP A 216 -18.43 18.52 8.25
N ASP A 217 -18.53 18.85 9.53
CA ASP A 217 -18.00 20.09 10.05
C ASP A 217 -16.57 19.97 10.58
N GLU A 218 -15.94 18.81 10.48
CA GLU A 218 -14.61 18.66 11.03
C GLU A 218 -13.56 19.30 10.13
N THR A 219 -12.46 19.70 10.75
N THR A 219 -12.47 19.73 10.75
CA THR A 219 -11.31 20.19 10.00
CA THR A 219 -11.30 20.19 10.02
C THR A 219 -10.53 19.01 9.42
C THR A 219 -10.57 18.98 9.41
N PRO A 220 -10.21 19.04 8.13
CA PRO A 220 -9.49 17.91 7.51
C PRO A 220 -8.01 17.90 7.84
N LEU A 221 -7.37 16.78 7.47
CA LEU A 221 -5.93 16.62 7.64
C LEU A 221 -5.16 17.62 6.77
N TYR A 222 -3.94 17.93 7.18
CA TYR A 222 -3.11 18.90 6.48
C TYR A 222 -2.24 18.20 5.43
N PHE A 223 -2.35 18.64 4.19
CA PHE A 223 -1.40 18.33 3.12
C PHE A 223 -0.87 19.64 2.56
N ALA A 224 0.40 19.64 2.16
CA ALA A 224 0.99 20.82 1.53
C ALA A 224 0.18 21.18 0.29
N PRO A 225 -0.30 22.42 0.17
CA PRO A 225 -1.09 22.80 -1.01
C PRO A 225 -0.26 22.77 -2.28
N SER A 226 -0.93 22.47 -3.40
CA SER A 226 -0.22 22.37 -4.66
C SER A 226 0.37 23.71 -5.09
N SER A 227 -0.11 24.82 -4.53
CA SER A 227 0.46 26.12 -4.87
C SER A 227 1.90 26.28 -4.41
N LEU A 228 2.39 25.39 -3.54
CA LEU A 228 3.80 25.40 -3.13
C LEU A 228 4.73 24.79 -4.18
N PHE A 229 4.20 24.18 -5.23
CA PHE A 229 5.00 23.46 -6.21
C PHE A 229 4.81 24.08 -7.58
N ASP A 230 5.83 23.95 -8.43
CA ASP A 230 5.74 24.33 -9.84
C ASP A 230 5.07 23.20 -10.62
N LEU A 231 3.82 23.41 -11.03
CA LEU A 231 2.94 22.32 -11.48
C LEU A 231 3.06 22.07 -12.99
N ASN A 232 4.25 21.68 -13.42
CA ASN A 232 4.39 21.22 -14.80
C ASN A 232 5.48 20.17 -14.87
N PHE A 233 5.36 19.31 -15.89
CA PHE A 233 6.26 18.18 -16.05
C PHE A 233 7.72 18.64 -16.22
N GLN A 234 7.93 19.69 -17.02
CA GLN A 234 9.29 20.16 -17.25
C GLN A 234 9.98 20.55 -15.95
N ALA A 235 9.24 21.18 -15.03
CA ALA A 235 9.81 21.59 -13.75
C ALA A 235 9.82 20.46 -12.73
N GLY A 236 9.39 19.26 -13.10
CA GLY A 236 9.44 18.11 -12.22
C GLY A 236 8.48 18.14 -11.06
N PHE A 237 7.53 19.08 -11.04
CA PHE A 237 6.61 19.22 -9.92
C PHE A 237 7.36 19.35 -8.59
N LEU A 238 8.47 20.10 -8.63
CA LEU A 238 9.26 20.36 -7.44
C LEU A 238 8.79 21.61 -6.72
N MET A 239 9.01 21.61 -5.40
N MET A 239 8.98 21.60 -5.40
CA MET A 239 8.60 22.74 -4.57
CA MET A 239 8.64 22.74 -4.55
C MET A 239 9.29 24.02 -5.04
C MET A 239 9.29 24.01 -5.07
N LYS A 240 8.53 25.11 -5.04
CA LYS A 240 9.02 26.38 -5.57
C LYS A 240 10.23 26.85 -4.78
N LYS A 241 11.16 27.50 -5.48
N LYS A 241 11.15 27.52 -5.48
CA LYS A 241 12.41 27.95 -4.86
CA LYS A 241 12.41 27.94 -4.87
C LYS A 241 12.14 28.83 -3.65
C LYS A 241 12.15 28.84 -3.67
N GLU A 242 11.28 29.84 -3.82
CA GLU A 242 10.97 30.73 -2.70
C GLU A 242 10.39 29.98 -1.52
N VAL A 243 9.63 28.91 -1.79
CA VAL A 243 9.03 28.14 -0.70
C VAL A 243 10.10 27.31 0.02
N GLN A 244 11.00 26.68 -0.75
CA GLN A 244 12.13 25.97 -0.15
C GLN A 244 12.96 26.90 0.71
N ASP A 245 13.29 28.09 0.20
CA ASP A 245 14.05 29.05 1.00
C ASP A 245 13.33 29.40 2.29
N GLU A 246 12.01 29.58 2.23
N GLU A 246 12.01 29.59 2.21
CA GLU A 246 11.29 30.00 3.44
CA GLU A 246 11.23 29.98 3.39
C GLU A 246 11.19 28.87 4.45
C GLU A 246 11.21 28.87 4.44
N GLU A 247 11.10 27.62 4.00
CA GLU A 247 11.01 26.49 4.94
C GLU A 247 12.36 26.10 5.52
N LYS A 248 13.46 26.56 4.90
CA LYS A 248 14.81 26.13 5.28
C LYS A 248 15.09 26.29 6.76
N ASN A 249 14.65 27.40 7.36
N ASN A 249 14.66 27.40 7.36
CA ASN A 249 14.92 27.70 8.76
CA ASN A 249 14.93 27.68 8.76
C ASN A 249 14.00 26.96 9.73
C ASN A 249 13.80 27.23 9.68
N LYS A 250 12.94 26.32 9.23
CA LYS A 250 11.90 25.76 10.08
C LYS A 250 12.28 24.35 10.53
N LYS A 251 11.91 24.03 11.77
N LYS A 251 11.90 24.04 11.77
CA LYS A 251 12.36 22.79 12.40
CA LYS A 251 12.33 22.80 12.42
C LYS A 251 11.57 21.56 11.95
C LYS A 251 11.59 21.59 11.87
N PHE A 252 10.29 21.74 11.60
CA PHE A 252 9.46 20.63 11.15
C PHE A 252 9.23 20.71 9.66
N GLY A 253 9.17 19.55 9.00
CA GLY A 253 8.67 19.45 7.65
C GLY A 253 7.18 19.77 7.62
N LEU A 254 6.60 19.68 6.42
CA LEU A 254 5.21 20.06 6.22
C LEU A 254 4.22 18.92 6.43
N SER A 255 4.65 17.68 6.23
CA SER A 255 3.77 16.51 6.31
C SER A 255 4.66 15.28 6.35
N VAL A 256 4.03 14.11 6.44
CA VAL A 256 4.79 12.85 6.38
C VAL A 256 5.60 12.79 5.09
N GLY A 257 4.93 12.94 3.95
CA GLY A 257 5.64 12.78 2.69
C GLY A 257 6.56 13.95 2.38
N HIS A 258 6.19 15.16 2.83
CA HIS A 258 7.05 16.32 2.67
C HIS A 258 7.75 16.67 3.98
N HIS A 259 8.38 15.66 4.57
CA HIS A 259 9.15 15.85 5.79
C HIS A 259 10.43 16.64 5.53
N LEU A 260 10.88 16.71 4.28
CA LEU A 260 12.04 17.51 3.86
C LEU A 260 13.31 17.15 4.61
N GLY A 261 13.41 15.91 5.12
CA GLY A 261 14.56 15.54 5.91
C GLY A 261 14.55 16.05 7.33
N LYS A 262 13.44 16.62 7.78
N LYS A 262 13.45 16.63 7.77
CA LYS A 262 13.30 17.20 9.11
CA LYS A 262 13.31 17.21 9.10
C LYS A 262 12.39 16.34 9.97
C LYS A 262 12.25 16.45 9.88
N SER A 263 11.97 16.91 11.10
CA SER A 263 11.01 16.23 11.95
C SER A 263 9.62 16.28 11.33
N ILE A 264 8.91 15.16 11.40
CA ILE A 264 7.54 15.10 10.91
C ILE A 264 6.61 15.68 11.95
N PRO A 265 5.74 16.63 11.60
CA PRO A 265 4.79 17.15 12.60
C PRO A 265 3.93 16.03 13.14
N THR A 266 3.67 16.07 14.44
CA THR A 266 3.08 14.95 15.15
C THR A 266 1.70 14.60 14.61
N ASP A 267 1.50 13.32 14.30
CA ASP A 267 0.22 12.79 13.83
C ASP A 267 -0.34 13.58 12.65
N ASN A 268 0.55 13.91 11.70
CA ASN A 268 0.11 14.65 10.51
C ASN A 268 -0.97 13.90 9.72
N GLN A 269 -0.95 12.56 9.73
CA GLN A 269 -1.94 11.76 9.01
C GLN A 269 -3.06 11.24 9.89
N ILE A 270 -3.07 11.61 11.17
CA ILE A 270 -3.99 11.02 12.14
C ILE A 270 -4.85 12.10 12.78
N LYS A 271 -4.28 13.30 12.98
CA LYS A 271 -4.97 14.41 13.63
C LYS A 271 -4.90 15.67 12.78
N ALA A 272 -6.02 16.35 12.64
CA ALA A 272 -5.99 17.65 12.00
C ALA A 272 -5.24 18.65 12.91
N ARG A 273 -4.72 19.69 12.28
N ARG A 273 -4.83 19.76 12.31
CA ARG A 273 -3.91 20.69 12.96
CA ARG A 273 -4.17 20.83 13.07
C ARG A 273 -4.75 21.63 13.81
C ARG A 273 -5.03 21.40 14.19
N MET B 1 27.33 -19.59 -8.69
CA MET B 1 25.94 -19.39 -8.27
C MET B 1 25.05 -20.55 -8.70
N VAL B 2 25.70 -21.65 -9.09
CA VAL B 2 24.99 -22.91 -9.36
C VAL B 2 24.44 -23.45 -8.05
N GLY B 3 23.18 -23.86 -8.08
CA GLY B 3 22.51 -24.36 -6.90
C GLY B 3 21.54 -23.39 -6.26
N ARG B 4 21.68 -22.10 -6.56
N ARG B 4 21.67 -22.10 -6.55
CA ARG B 4 20.77 -21.10 -6.03
CA ARG B 4 20.75 -21.11 -5.99
C ARG B 4 19.53 -20.98 -6.91
C ARG B 4 19.56 -20.92 -6.90
N ARG B 5 18.41 -20.62 -6.29
CA ARG B 5 17.11 -20.63 -6.94
CA ARG B 5 17.13 -20.61 -6.97
C ARG B 5 16.46 -19.27 -6.78
N ALA B 6 15.83 -18.78 -7.85
CA ALA B 6 15.15 -17.51 -7.84
C ALA B 6 13.71 -17.68 -8.29
N LEU B 7 12.84 -16.83 -7.74
CA LEU B 7 11.43 -16.72 -8.13
C LEU B 7 11.16 -15.29 -8.56
N ILE B 8 10.59 -15.14 -9.75
CA ILE B 8 10.18 -13.83 -10.28
C ILE B 8 8.66 -13.79 -10.31
N VAL B 9 8.08 -12.88 -9.53
CA VAL B 9 6.65 -12.64 -9.49
C VAL B 9 6.40 -11.39 -10.33
N LEU B 10 5.66 -11.54 -11.41
CA LEU B 10 5.34 -10.44 -12.33
C LEU B 10 3.86 -10.09 -12.22
N ALA B 11 3.56 -8.79 -12.17
CA ALA B 11 2.17 -8.31 -12.12
C ALA B 11 1.93 -7.29 -13.24
N HIS B 12 1.80 -7.79 -14.46
CA HIS B 12 1.43 -6.95 -15.60
C HIS B 12 0.69 -7.79 -16.63
N SER B 13 -0.41 -7.24 -17.17
CA SER B 13 -1.26 -8.01 -18.07
C SER B 13 -0.68 -8.18 -19.47
N GLU B 14 0.28 -7.36 -19.89
CA GLU B 14 0.66 -7.30 -21.30
C GLU B 14 2.05 -7.87 -21.54
N ARG B 15 2.15 -8.84 -22.46
N ARG B 15 2.15 -8.81 -22.47
CA ARG B 15 3.46 -9.35 -22.86
CA ARG B 15 3.43 -9.36 -22.88
C ARG B 15 4.27 -8.28 -23.58
C ARG B 15 4.25 -8.36 -23.70
N THR B 16 3.61 -7.28 -24.16
CA THR B 16 4.29 -6.22 -24.89
C THR B 16 4.84 -5.14 -23.96
N SER B 17 4.61 -5.24 -22.65
CA SER B 17 4.98 -4.18 -21.73
C SER B 17 6.48 -4.21 -21.42
N PHE B 18 6.98 -3.06 -20.96
CA PHE B 18 8.35 -3.02 -20.46
C PHE B 18 8.53 -3.88 -19.23
N ASN B 19 7.49 -3.97 -18.38
CA ASN B 19 7.55 -4.86 -17.23
C ASN B 19 7.80 -6.30 -17.66
N TYR B 20 7.15 -6.76 -18.72
CA TYR B 20 7.40 -8.11 -19.20
C TYR B 20 8.84 -8.26 -19.69
N ALA B 21 9.35 -7.24 -20.39
CA ALA B 21 10.74 -7.29 -20.84
C ALA B 21 11.71 -7.33 -19.67
N MET B 22 11.43 -6.58 -18.59
CA MET B 22 12.28 -6.65 -17.41
C MET B 22 12.26 -8.04 -16.78
N LYS B 23 11.09 -8.70 -16.76
CA LYS B 23 11.02 -10.09 -16.28
C LYS B 23 11.88 -11.00 -17.14
N GLU B 24 11.80 -10.85 -18.47
CA GLU B 24 12.59 -11.70 -19.36
C GLU B 24 14.09 -11.44 -19.20
N ALA B 25 14.46 -10.17 -19.04
CA ALA B 25 15.86 -9.83 -18.84
C ALA B 25 16.39 -10.45 -17.55
N ALA B 26 15.61 -10.35 -16.47
CA ALA B 26 16.00 -10.94 -15.19
C ALA B 26 16.17 -12.46 -15.33
N ALA B 27 15.18 -13.13 -15.93
CA ALA B 27 15.26 -14.57 -16.08
C ALA B 27 16.50 -14.97 -16.90
N ALA B 28 16.77 -14.25 -17.99
CA ALA B 28 17.90 -14.60 -18.84
C ALA B 28 19.23 -14.38 -18.13
N ALA B 29 19.35 -13.29 -17.36
CA ALA B 29 20.61 -12.98 -16.70
C ALA B 29 20.90 -13.97 -15.58
N LEU B 30 19.87 -14.34 -14.82
CA LEU B 30 20.09 -15.26 -13.70
C LEU B 30 20.45 -16.66 -14.20
N LYS B 31 19.71 -17.15 -15.22
CA LYS B 31 20.02 -18.46 -15.78
C LYS B 31 21.45 -18.49 -16.33
N LYS B 32 21.88 -17.41 -16.97
N LYS B 32 21.89 -17.40 -16.96
CA LYS B 32 23.24 -17.34 -17.50
CA LYS B 32 23.24 -17.35 -17.50
C LYS B 32 24.29 -17.49 -16.40
C LYS B 32 24.29 -17.49 -16.40
N LYS B 33 23.98 -17.04 -15.19
CA LYS B 33 24.91 -17.15 -14.06
C LYS B 33 24.74 -18.44 -13.27
N GLY B 34 23.88 -19.36 -13.71
CA GLY B 34 23.71 -20.64 -13.06
C GLY B 34 22.49 -20.77 -12.17
N TRP B 35 21.68 -19.73 -12.03
CA TRP B 35 20.47 -19.83 -11.22
C TRP B 35 19.43 -20.73 -11.86
N GLU B 36 18.67 -21.43 -11.01
CA GLU B 36 17.37 -21.93 -11.39
C GLU B 36 16.35 -20.81 -11.26
N VAL B 37 15.47 -20.67 -12.25
CA VAL B 37 14.50 -19.58 -12.27
C VAL B 37 13.11 -20.15 -12.41
N VAL B 38 12.23 -19.78 -11.50
CA VAL B 38 10.81 -20.13 -11.54
C VAL B 38 10.02 -18.83 -11.55
N GLU B 39 8.87 -18.84 -12.22
CA GLU B 39 8.09 -17.63 -12.43
C GLU B 39 6.67 -17.74 -11.89
N SER B 40 6.13 -16.59 -11.48
CA SER B 40 4.71 -16.44 -11.19
C SER B 40 4.23 -15.19 -11.95
N ASP B 41 3.80 -15.40 -13.19
CA ASP B 41 3.19 -14.35 -14.01
C ASP B 41 1.72 -14.35 -13.66
N LEU B 42 1.35 -13.51 -12.68
CA LEU B 42 0.03 -13.59 -12.06
C LEU B 42 -1.10 -13.43 -13.07
N TYR B 43 -0.97 -12.48 -14.00
CA TYR B 43 -2.00 -12.32 -15.04
C TYR B 43 -2.06 -13.54 -15.95
N ALA B 44 -0.92 -14.04 -16.40
CA ALA B 44 -0.92 -15.21 -17.28
C ALA B 44 -1.48 -16.44 -16.57
N MET B 45 -1.34 -16.51 -15.25
N MET B 45 -1.31 -16.51 -15.24
CA MET B 45 -1.90 -17.63 -14.50
CA MET B 45 -1.85 -17.59 -14.42
C MET B 45 -3.37 -17.46 -14.16
C MET B 45 -3.35 -17.46 -14.16
N ASN B 46 -3.98 -16.33 -14.52
N ASN B 46 -3.97 -16.34 -14.51
CA ASN B 46 -5.32 -15.97 -14.05
CA ASN B 46 -5.32 -16.02 -14.06
C ASN B 46 -5.43 -16.15 -12.54
C ASN B 46 -5.42 -16.19 -12.54
N PHE B 47 -4.42 -15.65 -11.83
CA PHE B 47 -4.34 -15.86 -10.40
C PHE B 47 -5.50 -15.21 -9.67
N ASN B 48 -6.16 -15.99 -8.83
CA ASN B 48 -7.26 -15.49 -8.01
C ASN B 48 -6.69 -14.67 -6.85
N PRO B 49 -6.99 -13.37 -6.77
CA PRO B 49 -6.35 -12.52 -5.75
C PRO B 49 -7.20 -12.24 -4.50
N ILE B 50 -8.35 -12.88 -4.32
CA ILE B 50 -9.30 -12.52 -3.27
CA ILE B 50 -9.29 -12.52 -3.26
C ILE B 50 -9.31 -13.63 -2.21
N ILE B 51 -8.93 -13.28 -0.98
CA ILE B 51 -8.99 -14.26 0.11
C ILE B 51 -10.45 -14.58 0.41
N SER B 52 -10.73 -15.86 0.66
CA SER B 52 -12.08 -16.31 0.98
C SER B 52 -11.99 -17.71 1.56
N ARG B 53 -13.13 -18.22 2.03
CA ARG B 53 -13.12 -19.57 2.54
C ARG B 53 -12.84 -20.60 1.45
N LYS B 54 -12.88 -20.20 0.17
CA LYS B 54 -12.47 -21.12 -0.89
C LYS B 54 -10.95 -21.32 -0.95
N ASP B 55 -10.16 -20.61 -0.13
CA ASP B 55 -8.76 -20.95 0.01
C ASP B 55 -8.51 -22.18 0.88
N ILE B 56 -9.56 -22.74 1.49
CA ILE B 56 -9.43 -23.80 2.47
C ILE B 56 -10.32 -24.98 2.06
N THR B 57 -9.76 -26.19 2.04
CA THR B 57 -10.54 -27.40 1.79
C THR B 57 -10.83 -28.13 3.10
N GLY B 58 -11.71 -29.13 3.03
CA GLY B 58 -12.08 -29.87 4.23
C GLY B 58 -12.95 -29.04 5.15
N LYS B 59 -12.91 -29.34 6.46
N LYS B 59 -12.85 -29.35 6.45
CA LYS B 59 -13.87 -28.73 7.38
CA LYS B 59 -13.70 -28.73 7.46
C LYS B 59 -13.30 -27.48 8.05
C LYS B 59 -13.16 -27.36 7.86
N LEU B 60 -14.05 -26.38 7.91
CA LEU B 60 -13.77 -25.16 8.65
C LEU B 60 -14.03 -25.38 10.13
N LYS B 61 -13.22 -24.73 10.98
CA LYS B 61 -13.35 -24.95 12.41
C LYS B 61 -14.59 -24.26 12.97
N ASP B 62 -14.88 -23.03 12.54
CA ASP B 62 -16.02 -22.25 13.05
C ASP B 62 -16.68 -21.56 11.87
N PRO B 63 -17.49 -22.29 11.13
CA PRO B 63 -18.08 -21.70 9.91
C PRO B 63 -19.07 -20.58 10.18
N ALA B 64 -19.66 -20.52 11.38
CA ALA B 64 -20.63 -19.49 11.71
C ALA B 64 -19.99 -18.15 12.00
N ASN B 65 -18.70 -18.15 12.37
CA ASN B 65 -17.93 -16.93 12.62
C ASN B 65 -16.56 -17.11 11.95
N PHE B 66 -16.55 -16.90 10.65
CA PHE B 66 -15.37 -17.21 9.85
C PHE B 66 -14.28 -16.18 10.11
N GLN B 67 -13.10 -16.66 10.53
CA GLN B 67 -11.94 -15.82 10.80
C GLN B 67 -10.83 -16.31 9.90
N TYR B 68 -10.54 -15.56 8.83
CA TYR B 68 -9.54 -16.02 7.87
C TYR B 68 -8.18 -16.29 8.49
N PRO B 69 -7.64 -15.46 9.38
CA PRO B 69 -6.30 -15.78 9.91
C PRO B 69 -6.27 -17.13 10.62
N ALA B 70 -7.17 -17.38 11.57
CA ALA B 70 -7.17 -18.66 12.27
C ALA B 70 -7.44 -19.82 11.32
N GLU B 71 -8.40 -19.68 10.41
CA GLU B 71 -8.78 -20.82 9.57
C GLU B 71 -7.69 -21.16 8.56
N SER B 72 -7.04 -20.13 7.99
CA SER B 72 -5.98 -20.39 7.02
C SER B 72 -4.74 -20.96 7.71
N VAL B 73 -4.41 -20.46 8.91
CA VAL B 73 -3.28 -21.02 9.65
C VAL B 73 -3.53 -22.48 9.99
N LEU B 74 -4.74 -22.81 10.45
CA LEU B 74 -5.05 -24.20 10.73
C LEU B 74 -5.01 -25.03 9.44
N ALA B 75 -5.54 -24.47 8.34
CA ALA B 75 -5.46 -25.16 7.06
C ALA B 75 -4.01 -25.41 6.65
N TYR B 76 -3.14 -24.43 6.85
CA TYR B 76 -1.74 -24.65 6.50
C TYR B 76 -1.16 -25.82 7.29
N LYS B 77 -1.40 -25.84 8.60
CA LYS B 77 -0.81 -26.88 9.43
C LYS B 77 -1.37 -28.25 9.08
N GLU B 78 -2.59 -28.32 8.58
CA GLU B 78 -3.24 -29.60 8.30
C GLU B 78 -3.16 -29.99 6.83
N GLY B 79 -2.46 -29.22 6.00
CA GLY B 79 -2.40 -29.50 4.58
C GLY B 79 -3.73 -29.35 3.85
N ARG B 80 -4.55 -28.36 4.23
CA ARG B 80 -5.87 -28.17 3.64
C ARG B 80 -5.99 -26.85 2.87
N LEU B 81 -4.88 -26.27 2.42
CA LEU B 81 -4.96 -25.05 1.63
C LEU B 81 -5.26 -25.39 0.18
N SER B 82 -5.87 -24.42 -0.51
CA SER B 82 -6.19 -24.55 -1.92
C SER B 82 -4.93 -24.91 -2.71
N PRO B 83 -5.04 -25.77 -3.72
CA PRO B 83 -3.84 -26.16 -4.49
C PRO B 83 -3.10 -25.02 -5.18
N ASP B 84 -3.79 -23.96 -5.61
CA ASP B 84 -3.04 -22.86 -6.21
C ASP B 84 -2.21 -22.12 -5.16
N ILE B 85 -2.68 -22.06 -3.92
CA ILE B 85 -1.86 -21.47 -2.85
C ILE B 85 -0.67 -22.36 -2.52
N VAL B 86 -0.89 -23.67 -2.42
CA VAL B 86 0.19 -24.60 -2.09
C VAL B 86 1.30 -24.52 -3.13
N ALA B 87 0.92 -24.40 -4.41
CA ALA B 87 1.91 -24.30 -5.47
C ALA B 87 2.78 -23.05 -5.32
N GLU B 88 2.17 -21.89 -5.00
CA GLU B 88 2.96 -20.69 -4.78
C GLU B 88 3.85 -20.81 -3.55
N GLN B 89 3.34 -21.42 -2.48
CA GLN B 89 4.16 -21.55 -1.27
C GLN B 89 5.37 -22.45 -1.51
N LYS B 90 5.21 -23.49 -2.36
CA LYS B 90 6.34 -24.34 -2.71
C LYS B 90 7.41 -23.57 -3.48
N LYS B 91 7.00 -22.71 -4.42
CA LYS B 91 7.97 -21.86 -5.11
C LYS B 91 8.75 -21.00 -4.13
N LEU B 92 8.05 -20.39 -3.16
CA LEU B 92 8.72 -19.57 -2.15
C LEU B 92 9.69 -20.38 -1.30
N GLU B 93 9.25 -21.55 -0.82
CA GLU B 93 10.13 -22.39 -0.01
C GLU B 93 11.41 -22.73 -0.75
N ALA B 94 11.31 -22.98 -2.07
CA ALA B 94 12.49 -23.35 -2.84
C ALA B 94 13.41 -22.15 -3.13
N ALA B 95 12.86 -20.95 -3.21
CA ALA B 95 13.62 -19.82 -3.71
C ALA B 95 14.56 -19.24 -2.65
N ASP B 96 15.79 -18.89 -3.08
CA ASP B 96 16.68 -18.06 -2.28
C ASP B 96 16.43 -16.58 -2.50
N LEU B 97 16.15 -16.21 -3.74
CA LEU B 97 15.95 -14.82 -4.14
C LEU B 97 14.55 -14.69 -4.74
N VAL B 98 13.80 -13.68 -4.31
CA VAL B 98 12.48 -13.39 -4.86
C VAL B 98 12.52 -11.98 -5.43
N ILE B 99 12.21 -11.86 -6.72
CA ILE B 99 12.10 -10.59 -7.42
C ILE B 99 10.62 -10.31 -7.67
N PHE B 100 10.17 -9.10 -7.30
CA PHE B 100 8.81 -8.63 -7.59
C PHE B 100 8.90 -7.55 -8.66
N GLN B 101 8.35 -7.82 -9.85
CA GLN B 101 8.42 -6.91 -10.99
C GLN B 101 7.01 -6.39 -11.26
N PHE B 102 6.83 -5.06 -11.17
CA PHE B 102 5.48 -4.52 -11.31
C PHE B 102 5.54 -3.03 -11.62
N PRO B 103 4.53 -2.51 -12.33
CA PRO B 103 4.34 -1.06 -12.39
C PRO B 103 3.75 -0.54 -11.09
N LEU B 104 4.28 0.60 -10.64
CA LEU B 104 3.66 1.29 -9.51
C LEU B 104 2.24 1.69 -9.90
N GLN B 105 1.27 1.32 -9.08
CA GLN B 105 -0.12 1.66 -9.34
C GLN B 105 -0.72 2.22 -8.06
N TRP B 106 -1.21 3.45 -8.13
CA TRP B 106 -1.77 4.13 -6.97
C TRP B 106 -0.82 4.05 -5.80
N PHE B 107 0.46 4.32 -6.09
CA PHE B 107 1.54 4.44 -5.10
C PHE B 107 1.77 3.13 -4.36
N GLY B 108 1.48 2.01 -4.99
CA GLY B 108 1.69 0.73 -4.35
C GLY B 108 1.72 -0.41 -5.35
N VAL B 109 1.54 -1.61 -4.84
CA VAL B 109 1.57 -2.81 -5.69
C VAL B 109 0.21 -2.95 -6.39
N PRO B 110 0.17 -3.50 -7.60
CA PRO B 110 -1.13 -3.82 -8.22
C PRO B 110 -1.98 -4.73 -7.34
N ALA B 111 -3.30 -4.58 -7.46
CA ALA B 111 -4.23 -5.38 -6.66
C ALA B 111 -3.93 -6.87 -6.79
N ILE B 112 -3.59 -7.34 -7.99
CA ILE B 112 -3.39 -8.78 -8.15
C ILE B 112 -2.18 -9.26 -7.34
N LEU B 113 -1.16 -8.41 -7.17
CA LEU B 113 0.00 -8.75 -6.37
C LEU B 113 -0.30 -8.61 -4.87
N LYS B 114 -1.06 -7.58 -4.48
CA LYS B 114 -1.50 -7.47 -3.09
C LYS B 114 -2.27 -8.70 -2.68
N GLY B 115 -3.17 -9.19 -3.55
CA GLY B 115 -3.91 -10.40 -3.23
C GLY B 115 -3.05 -11.64 -3.19
N TRP B 116 -1.97 -11.68 -3.99
CA TRP B 116 -1.02 -12.77 -3.89
C TRP B 116 -0.37 -12.81 -2.50
N PHE B 117 0.09 -11.64 -2.00
CA PHE B 117 0.57 -11.60 -0.62
C PHE B 117 -0.48 -12.12 0.36
N GLU B 118 -1.73 -11.65 0.22
CA GLU B 118 -2.78 -11.99 1.17
C GLU B 118 -3.11 -13.48 1.17
N ARG B 119 -3.12 -14.11 -0.02
N ARG B 119 -3.14 -14.12 -0.01
CA ARG B 119 -3.49 -15.52 -0.11
CA ARG B 119 -3.50 -15.55 -0.07
C ARG B 119 -2.32 -16.47 0.14
C ARG B 119 -2.31 -16.47 0.18
N VAL B 120 -1.09 -16.03 -0.15
CA VAL B 120 0.08 -16.91 -0.09
C VAL B 120 0.85 -16.76 1.22
N PHE B 121 0.97 -15.54 1.74
CA PHE B 121 1.73 -15.30 2.98
C PHE B 121 0.84 -15.62 4.18
N ILE B 122 0.54 -16.93 4.33
CA ILE B 122 -0.33 -17.41 5.41
C ILE B 122 0.48 -17.48 6.70
N GLY B 123 -0.18 -17.22 7.82
CA GLY B 123 0.48 -17.34 9.12
C GLY B 123 1.10 -18.70 9.32
N GLU B 124 2.18 -18.73 10.11
CA GLU B 124 2.99 -19.90 10.40
C GLU B 124 3.89 -20.22 9.21
N PHE B 125 3.34 -20.23 8.00
CA PHE B 125 4.17 -20.42 6.81
C PHE B 125 5.09 -19.22 6.57
N ALA B 126 4.52 -18.02 6.54
CA ALA B 126 5.29 -16.84 6.18
C ALA B 126 5.64 -15.94 7.36
N TYR B 127 4.96 -16.10 8.50
CA TYR B 127 5.24 -15.24 9.65
C TYR B 127 4.72 -15.90 10.91
N THR B 128 5.31 -15.50 12.04
CA THR B 128 4.79 -15.88 13.34
C THR B 128 4.90 -14.67 14.27
N TYR B 129 3.92 -14.57 15.18
CA TYR B 129 3.89 -13.47 16.12
C TYR B 129 5.09 -13.51 17.06
N ALA B 130 5.57 -14.72 17.37
CA ALA B 130 6.70 -14.87 18.28
C ALA B 130 8.04 -14.64 17.62
N ALA B 131 8.08 -14.45 16.30
CA ALA B 131 9.32 -14.29 15.56
C ALA B 131 9.06 -13.34 14.38
N MET B 132 8.64 -12.13 14.69
CA MET B 132 8.38 -11.15 13.64
C MET B 132 9.68 -10.54 13.13
N TYR B 133 9.60 -9.97 11.92
CA TYR B 133 10.66 -9.17 11.30
C TYR B 133 11.92 -10.04 11.19
N ASP B 134 13.07 -9.62 11.72
CA ASP B 134 14.32 -10.28 11.38
C ASP B 134 14.39 -11.74 11.83
N LYS B 135 13.52 -12.18 12.73
CA LYS B 135 13.47 -13.58 13.13
C LYS B 135 12.48 -14.41 12.30
N GLY B 136 11.87 -13.84 11.26
CA GLY B 136 10.82 -14.51 10.53
C GLY B 136 11.27 -15.69 9.67
N PRO B 137 10.29 -16.43 9.14
CA PRO B 137 10.61 -17.67 8.42
C PRO B 137 11.43 -17.49 7.16
N PHE B 138 11.44 -16.30 6.57
CA PHE B 138 12.16 -16.09 5.31
C PHE B 138 13.52 -15.42 5.54
N ARG B 139 14.07 -15.51 6.76
CA ARG B 139 15.30 -14.78 7.09
C ARG B 139 16.50 -15.25 6.28
N SER B 140 16.45 -16.42 5.67
CA SER B 140 17.55 -16.90 4.83
C SER B 140 17.38 -16.52 3.37
N LYS B 141 16.31 -15.82 3.02
CA LYS B 141 16.04 -15.41 1.64
C LYS B 141 16.23 -13.90 1.52
N LYS B 142 16.35 -13.45 0.26
CA LYS B 142 16.44 -12.03 -0.06
C LYS B 142 15.36 -11.68 -1.07
N ALA B 143 14.73 -10.53 -0.89
CA ALA B 143 13.68 -10.05 -1.77
C ALA B 143 14.04 -8.68 -2.32
N VAL B 144 13.54 -8.38 -3.52
CA VAL B 144 13.85 -7.11 -4.20
CA VAL B 144 13.82 -7.09 -4.15
C VAL B 144 12.61 -6.67 -4.98
N LEU B 145 12.28 -5.39 -4.88
CA LEU B 145 11.23 -4.79 -5.69
C LEU B 145 11.86 -4.17 -6.94
N SER B 146 11.28 -4.47 -8.09
CA SER B 146 11.69 -3.83 -9.35
C SER B 146 10.46 -3.13 -9.89
N ILE B 147 10.47 -1.79 -9.81
CA ILE B 147 9.27 -0.98 -10.00
C ILE B 147 9.49 -0.05 -11.20
N THR B 148 8.48 0.06 -12.06
CA THR B 148 8.42 1.12 -13.07
C THR B 148 7.34 2.12 -12.69
N THR B 149 7.56 3.39 -13.02
CA THR B 149 6.60 4.45 -12.74
C THR B 149 6.31 5.27 -13.99
N GLY B 150 5.16 5.93 -13.96
CA GLY B 150 4.91 7.00 -14.92
C GLY B 150 5.54 8.30 -14.50
N GLY B 151 5.56 8.58 -13.19
CA GLY B 151 6.06 9.86 -12.71
C GLY B 151 7.58 9.89 -12.61
N SER B 152 8.13 11.07 -12.85
CA SER B 152 9.59 11.24 -12.82
C SER B 152 10.12 11.14 -11.41
N GLY B 153 11.42 10.84 -11.30
CA GLY B 153 12.04 10.70 -10.00
C GLY B 153 11.90 11.95 -9.16
N SER B 154 11.97 13.12 -9.80
CA SER B 154 11.86 14.38 -9.06
C SER B 154 10.51 14.52 -8.37
N MET B 155 9.44 13.91 -8.93
CA MET B 155 8.14 13.97 -8.26
C MET B 155 8.17 13.25 -6.93
N TYR B 156 9.07 12.27 -6.78
CA TYR B 156 9.18 11.47 -5.57
C TYR B 156 10.41 11.82 -4.75
N SER B 157 11.10 12.91 -5.08
CA SER B 157 12.19 13.41 -4.24
C SER B 157 11.60 14.10 -3.01
N LEU B 158 12.48 14.52 -2.09
CA LEU B 158 12.00 15.17 -0.87
C LEU B 158 11.20 16.43 -1.18
N GLN B 159 11.47 17.10 -2.30
N GLN B 159 11.49 17.11 -2.30
CA GLN B 159 10.78 18.32 -2.69
CA GLN B 159 10.79 18.33 -2.69
C GLN B 159 9.71 18.11 -3.75
C GLN B 159 9.71 18.10 -3.73
N GLY B 160 9.51 16.86 -4.20
CA GLY B 160 8.52 16.61 -5.23
C GLY B 160 7.09 16.55 -4.69
N ILE B 161 6.13 16.84 -5.58
CA ILE B 161 4.75 16.99 -5.13
C ILE B 161 4.19 15.69 -4.56
N HIS B 162 4.67 14.53 -5.02
CA HIS B 162 4.19 13.26 -4.47
C HIS B 162 4.78 12.96 -3.10
N GLY B 163 5.90 13.58 -2.74
CA GLY B 163 6.58 13.28 -1.50
C GLY B 163 7.57 12.14 -1.64
N ASP B 164 8.30 11.91 -0.55
CA ASP B 164 9.46 11.02 -0.51
C ASP B 164 9.07 9.60 -0.89
N MET B 165 9.71 9.07 -1.95
CA MET B 165 9.50 7.67 -2.33
C MET B 165 9.83 6.71 -1.18
N ASN B 166 10.75 7.10 -0.29
CA ASN B 166 11.09 6.23 0.84
C ASN B 166 9.87 5.95 1.72
N VAL B 167 8.98 6.93 1.87
CA VAL B 167 7.77 6.73 2.65
C VAL B 167 6.82 5.78 1.92
N ILE B 168 6.75 5.89 0.60
CA ILE B 168 5.86 5.04 -0.20
C ILE B 168 6.30 3.58 -0.11
N LEU B 169 7.61 3.34 -0.11
CA LEU B 169 8.13 1.98 -0.12
C LEU B 169 8.02 1.30 1.24
N TRP B 170 8.02 2.09 2.33
CA TRP B 170 8.04 1.52 3.68
C TRP B 170 6.99 0.45 3.96
N PRO B 171 5.69 0.67 3.73
CA PRO B 171 4.72 -0.37 4.11
C PRO B 171 4.91 -1.67 3.35
N ILE B 172 5.50 -1.62 2.15
CA ILE B 172 5.75 -2.83 1.38
C ILE B 172 7.02 -3.51 1.86
N GLN B 173 8.13 -2.76 1.92
CA GLN B 173 9.41 -3.39 2.20
C GLN B 173 9.55 -3.76 3.67
N SER B 174 9.04 -2.94 4.59
CA SER B 174 9.07 -3.31 6.00
C SER B 174 7.88 -4.17 6.39
N GLY B 175 6.67 -3.73 6.02
CA GLY B 175 5.47 -4.41 6.51
C GLY B 175 5.21 -5.75 5.87
N ILE B 176 5.57 -5.92 4.60
CA ILE B 176 5.29 -7.21 3.94
C ILE B 176 6.55 -8.06 3.88
N LEU B 177 7.61 -7.55 3.24
CA LEU B 177 8.79 -8.37 3.03
C LEU B 177 9.55 -8.61 4.34
N HIS B 178 9.94 -7.53 5.03
CA HIS B 178 10.80 -7.73 6.19
C HIS B 178 10.03 -8.33 7.36
N PHE B 179 8.73 -8.06 7.47
CA PHE B 179 7.90 -8.67 8.52
C PHE B 179 8.02 -10.19 8.51
N CYS B 180 8.13 -10.78 7.31
CA CYS B 180 8.27 -12.23 7.15
C CYS B 180 9.70 -12.72 7.26
N GLY B 181 10.69 -11.85 7.48
CA GLY B 181 12.08 -12.24 7.64
C GLY B 181 13.00 -11.91 6.48
N PHE B 182 12.46 -11.60 5.30
CA PHE B 182 13.29 -11.27 4.14
C PHE B 182 14.33 -10.21 4.48
N GLN B 183 15.56 -10.43 4.02
CA GLN B 183 16.46 -9.31 3.81
C GLN B 183 16.04 -8.62 2.51
N VAL B 184 15.80 -7.32 2.56
CA VAL B 184 15.28 -6.57 1.43
C VAL B 184 16.40 -5.80 0.78
N LEU B 185 16.63 -6.08 -0.50
CA LEU B 185 17.68 -5.41 -1.26
C LEU B 185 17.19 -4.07 -1.80
N GLU B 186 18.14 -3.23 -2.19
CA GLU B 186 17.80 -1.94 -2.78
C GLU B 186 16.81 -2.13 -3.92
N PRO B 187 15.69 -1.40 -3.93
CA PRO B 187 14.74 -1.55 -5.04
C PRO B 187 15.34 -1.06 -6.34
N GLN B 188 14.98 -1.74 -7.43
CA GLN B 188 15.30 -1.27 -8.78
C GLN B 188 14.19 -0.33 -9.20
N LEU B 189 14.48 0.96 -9.24
CA LEU B 189 13.49 2.00 -9.52
C LEU B 189 13.70 2.53 -10.95
N THR B 190 12.71 2.30 -11.81
CA THR B 190 12.75 2.74 -13.22
C THR B 190 11.72 3.85 -13.38
N TYR B 191 12.16 5.10 -13.27
CA TYR B 191 11.25 6.24 -13.26
C TYR B 191 10.84 6.69 -14.67
N SER B 192 9.57 7.10 -14.80
CA SER B 192 8.99 7.67 -16.02
C SER B 192 9.42 6.91 -17.29
N ILE B 193 9.11 5.61 -17.26
CA ILE B 193 9.41 4.75 -18.40
C ILE B 193 8.64 5.20 -19.65
N GLY B 194 7.52 5.90 -19.47
CA GLY B 194 6.78 6.41 -20.61
C GLY B 194 7.42 7.60 -21.29
N HIS B 195 8.47 8.17 -20.69
CA HIS B 195 9.22 9.27 -21.30
C HIS B 195 10.67 8.87 -21.57
N THR B 196 10.92 7.57 -21.73
CA THR B 196 12.25 7.05 -21.99
C THR B 196 12.28 6.46 -23.39
N PRO B 197 13.15 6.92 -24.30
CA PRO B 197 13.13 6.40 -25.67
C PRO B 197 13.75 5.02 -25.78
N ALA B 198 13.62 4.45 -26.98
CA ALA B 198 13.90 3.03 -27.21
C ALA B 198 15.33 2.64 -26.84
N ASP B 199 16.32 3.41 -27.29
CA ASP B 199 17.70 3.02 -27.01
C ASP B 199 18.03 3.15 -25.52
N ALA B 200 17.42 4.14 -24.85
CA ALA B 200 17.61 4.27 -23.42
C ALA B 200 16.93 3.12 -22.67
N ARG B 201 15.78 2.65 -23.17
CA ARG B 201 15.13 1.50 -22.54
C ARG B 201 16.00 0.26 -22.65
N ILE B 202 16.75 0.12 -23.75
CA ILE B 202 17.67 -1.01 -23.89
C ILE B 202 18.73 -0.97 -22.80
N GLN B 203 19.30 0.22 -22.56
CA GLN B 203 20.29 0.34 -21.50
C GLN B 203 19.72 0.08 -20.12
N ILE B 204 18.46 0.45 -19.88
CA ILE B 204 17.82 0.10 -18.61
C ILE B 204 17.76 -1.41 -18.45
N LEU B 205 17.38 -2.13 -19.52
CA LEU B 205 17.35 -3.58 -19.47
C LEU B 205 18.74 -4.15 -19.20
N GLU B 206 19.75 -3.62 -19.89
CA GLU B 206 21.11 -4.13 -19.71
C GLU B 206 21.64 -3.83 -18.32
N GLY B 207 21.32 -2.65 -17.78
CA GLY B 207 21.76 -2.33 -16.43
C GLY B 207 21.21 -3.30 -15.40
N TRP B 208 19.92 -3.66 -15.55
CA TRP B 208 19.28 -4.58 -14.61
C TRP B 208 19.92 -5.97 -14.68
N LYS B 209 20.19 -6.45 -15.90
CA LYS B 209 20.90 -7.72 -16.05
C LYS B 209 22.28 -7.64 -15.40
N LYS B 210 22.96 -6.50 -15.58
N LYS B 210 22.96 -6.50 -15.55
CA LYS B 210 24.28 -6.33 -14.98
CA LYS B 210 24.29 -6.35 -14.98
C LYS B 210 24.22 -6.44 -13.47
C LYS B 210 24.25 -6.40 -13.46
N ARG B 211 23.30 -5.70 -12.85
CA ARG B 211 23.16 -5.75 -11.39
C ARG B 211 22.89 -7.17 -10.90
N LEU B 212 22.09 -7.94 -11.65
CA LEU B 212 21.75 -9.29 -11.22
C LEU B 212 22.94 -10.24 -11.23
N GLU B 213 24.04 -9.87 -11.90
CA GLU B 213 25.21 -10.74 -11.91
C GLU B 213 25.80 -10.93 -10.52
N ASN B 214 25.58 -9.98 -9.61
CA ASN B 214 26.15 -10.08 -8.26
C ASN B 214 25.15 -9.68 -7.20
N ILE B 215 23.86 -9.88 -7.45
CA ILE B 215 22.86 -9.33 -6.54
C ILE B 215 22.90 -10.02 -5.19
N TRP B 216 23.27 -11.31 -5.14
CA TRP B 216 23.28 -12.02 -3.88
C TRP B 216 24.31 -11.47 -2.90
N ASP B 217 25.33 -10.77 -3.39
CA ASP B 217 26.39 -10.25 -2.54
C ASP B 217 26.16 -8.82 -2.09
N GLU B 218 25.00 -8.22 -2.40
CA GLU B 218 24.72 -6.84 -2.01
C GLU B 218 24.37 -6.71 -0.53
N THR B 219 24.67 -5.54 0.02
CA THR B 219 24.23 -5.22 1.37
C THR B 219 22.74 -4.90 1.37
N PRO B 220 21.94 -5.46 2.28
CA PRO B 220 20.51 -5.18 2.28
C PRO B 220 20.20 -3.86 2.97
N LEU B 221 18.95 -3.41 2.79
CA LEU B 221 18.47 -2.22 3.46
C LEU B 221 18.46 -2.40 4.97
N TYR B 222 18.56 -1.28 5.70
CA TYR B 222 18.57 -1.30 7.16
C TYR B 222 17.15 -1.16 7.70
N PHE B 223 16.75 -2.11 8.55
CA PHE B 223 15.59 -2.01 9.42
C PHE B 223 16.08 -2.17 10.85
N ALA B 224 15.39 -1.50 11.78
CA ALA B 224 15.75 -1.61 13.20
C ALA B 224 15.60 -3.05 13.66
N PRO B 225 16.65 -3.67 14.21
CA PRO B 225 16.54 -5.06 14.67
C PRO B 225 15.55 -5.21 15.81
N SER B 226 14.87 -6.36 15.82
CA SER B 226 13.85 -6.62 16.84
C SER B 226 14.46 -6.72 18.23
N SER B 227 15.77 -6.97 18.33
CA SER B 227 16.43 -6.96 19.63
C SER B 227 16.39 -5.59 20.29
N LEU B 228 15.98 -4.54 19.59
CA LEU B 228 15.86 -3.20 20.16
C LEU B 228 14.54 -3.00 20.91
N PHE B 229 13.63 -3.96 20.86
CA PHE B 229 12.28 -3.82 21.36
C PHE B 229 12.01 -4.85 22.46
N ASP B 230 11.12 -4.50 23.39
CA ASP B 230 10.60 -5.42 24.39
C ASP B 230 9.35 -6.07 23.82
N LEU B 231 9.51 -7.30 23.31
CA LEU B 231 8.45 -7.98 22.57
C LEU B 231 7.46 -8.66 23.54
N ASN B 232 6.74 -7.84 24.30
CA ASN B 232 5.68 -8.39 25.15
C ASN B 232 4.65 -7.30 25.44
N PHE B 233 3.45 -7.75 25.84
CA PHE B 233 2.35 -6.82 26.02
C PHE B 233 2.52 -5.98 27.28
N GLN B 234 3.24 -6.46 28.30
N GLN B 234 3.20 -6.52 28.31
CA GLN B 234 3.43 -5.63 29.48
CA GLN B 234 3.53 -5.72 29.48
C GLN B 234 4.29 -4.41 29.16
C GLN B 234 4.22 -4.43 29.07
N ALA B 235 5.24 -4.53 28.23
CA ALA B 235 5.99 -3.38 27.75
C ALA B 235 5.35 -2.73 26.54
N GLY B 236 4.30 -3.32 25.98
CA GLY B 236 3.63 -2.73 24.84
C GLY B 236 4.36 -2.86 23.52
N PHE B 237 5.32 -3.79 23.41
CA PHE B 237 6.08 -3.97 22.16
C PHE B 237 6.77 -2.67 21.75
N LEU B 238 7.26 -1.94 22.74
CA LEU B 238 7.98 -0.71 22.49
C LEU B 238 9.48 -0.91 22.56
N MET B 239 10.19 0.03 21.96
CA MET B 239 11.65 0.04 22.00
C MET B 239 12.13 0.04 23.45
N LYS B 240 13.22 -0.68 23.71
CA LYS B 240 13.75 -0.79 25.06
C LYS B 240 14.14 0.59 25.59
N LYS B 241 14.05 0.75 26.91
N LYS B 241 14.03 0.74 26.91
CA LYS B 241 14.33 2.05 27.50
CA LYS B 241 14.34 2.02 27.54
C LYS B 241 15.80 2.43 27.35
C LYS B 241 15.78 2.44 27.31
N GLU B 242 16.70 1.45 27.43
N GLU B 242 16.72 1.48 27.42
CA GLU B 242 18.13 1.73 27.24
CA GLU B 242 18.13 1.83 27.22
C GLU B 242 18.43 2.13 25.79
C GLU B 242 18.42 2.16 25.78
N VAL B 243 17.68 1.58 24.83
CA VAL B 243 17.83 1.95 23.44
C VAL B 243 17.34 3.38 23.22
N GLN B 244 16.16 3.69 23.77
CA GLN B 244 15.64 5.06 23.69
C GLN B 244 16.62 6.05 24.29
N ASP B 245 17.24 5.71 25.43
CA ASP B 245 18.20 6.61 26.06
C ASP B 245 19.44 6.80 25.18
N GLU B 246 19.88 5.73 24.53
N GLU B 246 19.92 5.73 24.54
CA GLU B 246 21.06 5.79 23.66
CA GLU B 246 21.08 5.88 23.68
C GLU B 246 20.79 6.56 22.38
C GLU B 246 20.75 6.70 22.44
N GLU B 247 19.55 6.55 21.90
CA GLU B 247 19.17 7.27 20.69
C GLU B 247 18.78 8.72 20.94
N LYS B 248 18.52 9.10 22.20
CA LYS B 248 17.84 10.36 22.48
C LYS B 248 18.59 11.58 21.95
N ASN B 249 19.90 11.47 21.78
N ASN B 249 19.90 11.50 21.76
CA ASN B 249 20.74 12.58 21.34
CA ASN B 249 20.68 12.64 21.31
C ASN B 249 21.02 12.58 19.85
C ASN B 249 21.24 12.49 19.91
N LYS B 250 20.83 11.45 19.17
CA LYS B 250 21.20 11.34 17.76
C LYS B 250 20.24 12.16 16.90
N LYS B 251 20.76 12.78 15.85
CA LYS B 251 19.93 13.66 15.02
C LYS B 251 18.93 12.89 14.18
N PHE B 252 19.30 11.70 13.70
CA PHE B 252 18.44 10.92 12.83
C PHE B 252 17.81 9.78 13.60
N GLY B 253 16.56 9.47 13.28
CA GLY B 253 15.94 8.26 13.74
C GLY B 253 16.56 7.05 13.06
N LEU B 254 15.96 5.88 13.31
CA LEU B 254 16.54 4.61 12.89
C LEU B 254 16.16 4.20 11.46
N SER B 255 14.96 4.56 11.01
CA SER B 255 14.45 4.19 9.69
C SER B 255 13.25 5.07 9.40
N VAL B 256 12.61 4.85 8.24
CA VAL B 256 11.41 5.61 7.89
C VAL B 256 10.32 5.44 8.96
N GLY B 257 10.02 4.19 9.32
CA GLY B 257 8.96 3.95 10.28
C GLY B 257 9.36 4.24 11.71
N HIS B 258 10.64 4.04 12.04
CA HIS B 258 11.20 4.40 13.34
C HIS B 258 11.99 5.70 13.25
N HIS B 259 11.36 6.74 12.68
CA HIS B 259 11.98 8.06 12.64
C HIS B 259 12.02 8.71 14.02
N LEU B 260 11.21 8.23 14.96
CA LEU B 260 11.24 8.69 16.35
C LEU B 260 10.88 10.16 16.50
N GLY B 261 10.26 10.75 15.48
CA GLY B 261 9.99 12.17 15.48
C GLY B 261 11.15 13.03 15.05
N LYS B 262 12.23 12.42 14.56
CA LYS B 262 13.46 13.10 14.18
C LYS B 262 13.62 13.02 12.67
N SER B 263 14.82 13.35 12.18
CA SER B 263 15.07 13.26 10.75
C SER B 263 15.14 11.80 10.30
N ILE B 264 14.46 11.50 9.20
CA ILE B 264 14.57 10.16 8.60
C ILE B 264 15.94 10.04 7.94
N PRO B 265 16.71 8.97 8.23
CA PRO B 265 17.99 8.81 7.54
C PRO B 265 17.80 8.70 6.04
N THR B 266 18.68 9.39 5.32
CA THR B 266 18.50 9.62 3.88
C THR B 266 18.41 8.29 3.12
N ASP B 267 17.38 8.16 2.30
CA ASP B 267 17.20 7.00 1.43
C ASP B 267 17.25 5.69 2.21
N ASN B 268 16.70 5.69 3.44
CA ASN B 268 16.66 4.46 4.24
C ASN B 268 16.04 3.29 3.50
N GLN B 269 15.03 3.53 2.67
CA GLN B 269 14.34 2.45 1.96
C GLN B 269 14.79 2.33 0.50
N ILE B 270 15.81 3.09 0.09
CA ILE B 270 16.25 3.10 -1.29
C ILE B 270 17.71 2.67 -1.42
N LYS B 271 18.56 3.07 -0.47
CA LYS B 271 19.97 2.74 -0.49
C LYS B 271 20.38 2.04 0.81
N ALA B 272 21.25 1.04 0.68
CA ALA B 272 21.81 0.38 1.85
C ALA B 272 22.78 1.32 2.58
N ARG B 273 23.12 0.96 3.79
CA ARG B 273 24.06 1.73 4.57
C ARG B 273 25.41 1.47 3.97
PA FAD C . -13.84 -9.68 13.91
O1A FAD C . -12.87 -10.73 14.32
O2A FAD C . -14.76 -10.15 12.83
O5B FAD C . -14.65 -9.06 15.19
C5B FAD C . -13.92 -8.77 16.37
C4B FAD C . -15.02 -8.95 17.44
O4B FAD C . -15.95 -8.08 17.20
C3B FAD C . -15.66 -10.34 17.18
O3B FAD C . -15.79 -11.03 18.33
C2B FAD C . -17.07 -9.98 16.64
O2B FAD C . -18.02 -11.09 16.98
C1B FAD C . -17.33 -8.88 17.30
N9A FAD C . -18.50 -8.21 16.77
C8A FAD C . -19.00 -8.42 15.56
N7A FAD C . -20.10 -7.67 15.44
C5A FAD C . -20.28 -7.00 16.60
C6A FAD C . -21.25 -6.11 17.01
N6A FAD C . -22.42 -5.53 16.41
N1A FAD C . -21.19 -5.57 18.22
C2A FAD C . -20.20 -5.91 19.07
N3A FAD C . -19.25 -6.79 18.68
C4A FAD C . -19.30 -7.34 17.43
N1 FAD C . -3.51 -6.55 11.45
C2 FAD C . -2.48 -5.52 11.68
O2 FAD C . -2.47 -4.91 12.70
N3 FAD C . -1.47 -5.26 10.63
C4 FAD C . -1.48 -6.01 9.38
O4 FAD C . -0.67 -5.79 8.54
C4X FAD C . -2.54 -7.06 9.17
N5 FAD C . -2.58 -7.83 7.96
C5X FAD C . -3.63 -8.85 7.75
C6 FAD C . -3.66 -9.58 6.55
C7 FAD C . -4.66 -10.53 6.35
C7M FAD C . -4.47 -11.17 4.96
C8 FAD C . -5.62 -10.76 7.34
C8M FAD C . -6.71 -11.81 7.10
C9 FAD C . -5.60 -10.04 8.55
C9A FAD C . -4.59 -9.07 8.75
N10 FAD C . -4.54 -8.28 10.01
C10 FAD C . -3.52 -7.29 10.20
C1' FAD C . -5.51 -8.47 11.09
C2' FAD C . -6.77 -7.68 10.70
O2' FAD C . -6.55 -6.32 10.60
C3' FAD C . -7.81 -7.98 11.77
O3' FAD C . -8.03 -9.36 11.76
C4' FAD C . -9.09 -7.27 11.39
O4' FAD C . -8.93 -5.88 11.50
C5' FAD C . -10.21 -7.77 12.32
O5' FAD C . -11.36 -7.04 11.98
P FAD C . -12.76 -7.92 11.83
O1P FAD C . -12.51 -9.12 10.94
O2P FAD C . -13.90 -7.07 11.38
O3P FAD C . -13.00 -8.36 13.40
O5 DTC D . -1.35 -11.56 17.30
C10 DTC D . -0.11 -11.27 18.11
C9 DTC D . 0.61 -10.10 17.84
C8 DTC D . 0.12 -9.19 16.78
O17 DTC D . 0.92 -8.42 16.34
C7 DTC D . -1.31 -9.22 16.40
C15 DTC D . -1.70 -8.59 14.97
C6 DTC D . -2.04 -10.57 16.54
O16 DTC D . -3.11 -10.75 16.08
C1 DTC D . 1.76 -9.81 18.57
C2 DTC D . 2.20 -10.68 19.57
C3 DTC D . 1.47 -11.85 19.84
C4 DTC D . 0.32 -12.14 19.11
C5 DTC D . -1.11 -10.35 10.27
C20 DTC D . -0.81 -9.46 11.29
C19 DTC D . 0.16 -8.46 11.07
C18 DTC D . 0.81 -8.32 9.83
C17 DTC D . 0.52 -9.22 8.81
C16 DTC D . -0.44 -10.23 9.03
O21 DTC D . 0.46 -7.50 12.18
C12 DTC D . 0.09 -7.69 13.54
O32 DTC D . 0.40 -6.93 14.42
C13 DTC D . -0.74 -8.97 13.79
C14 DTC D . -1.47 -9.55 12.65
O38 DTC D . -2.50 -10.12 12.81
O5 DTC E . -2.34 -6.73 28.23
C10 DTC E . -1.30 -7.48 28.98
C9 DTC E . -0.99 -8.82 28.64
C8 DTC E . -1.71 -9.50 27.53
O17 DTC E . -1.59 -10.67 27.32
C7 DTC E . -2.52 -8.66 26.66
C15 DTC E . -3.55 -9.52 25.81
C6 DTC E . -3.16 -7.40 27.28
O16 DTC E . -4.21 -6.96 27.00
C1 DTC E . -0.02 -9.49 29.35
C2 DTC E . 0.62 -8.81 30.39
C3 DTC E . 0.32 -7.47 30.71
C4 DTC E . -0.66 -6.80 30.00
C5 DTC E . -2.63 -10.39 20.92
C20 DTC E . -2.98 -9.53 21.94
C19 DTC E . -3.25 -8.17 21.62
C18 DTC E . -3.21 -7.65 20.33
C17 DTC E . -2.89 -8.51 19.31
C16 DTC E . -2.61 -9.87 19.61
O21 DTC E . -3.61 -7.22 22.70
C12 DTC E . -3.95 -7.70 23.97
O32 DTC E . -4.75 -7.13 24.60
C13 DTC E . -3.13 -8.97 24.36
C14 DTC E . -3.03 -10.01 23.36
O38 DTC E . -2.93 -11.18 23.67
C ACT F . -4.76 12.99 -17.60
O ACT F . -4.70 11.90 -16.94
OXT ACT F . -4.44 14.04 -17.01
CH3 ACT F . -5.23 13.01 -19.01
C ACT G . -11.75 -11.60 5.11
O ACT G . -10.90 -11.45 6.03
OXT ACT G . -12.35 -10.55 4.63
CH3 ACT G . -12.01 -13.02 4.65
PA FAD H . 4.60 0.15 -21.28
O1A FAD H . 3.77 1.39 -21.41
O2A FAD H . 3.77 -1.09 -21.53
O5B FAD H . 5.93 0.24 -22.22
C5B FAD H . 6.75 1.38 -22.07
C4B FAD H . 7.67 1.35 -23.33
O4B FAD H . 8.55 0.37 -23.21
C3B FAD H . 6.77 1.01 -24.53
O3B FAD H . 7.05 1.84 -25.57
C2B FAD H . 7.16 -0.44 -24.85
O2B FAD H . 6.87 -0.76 -26.29
C1B FAD H . 8.44 -0.45 -24.59
N9A FAD H . 9.00 -1.79 -24.56
C8A FAD H . 8.29 -2.92 -24.41
N7A FAD H . 9.15 -3.95 -24.50
C5A FAD H . 10.39 -3.45 -24.73
C6A FAD H . 11.62 -4.05 -24.90
N6A FAD H . 12.12 -5.41 -24.92
N1A FAD H . 12.70 -3.31 -25.10
C2A FAD H . 12.60 -1.96 -25.15
N3A FAD H . 11.38 -1.37 -24.99
C4A FAD H . 10.29 -2.12 -24.77
N1 FAD H . 2.73 6.00 -12.06
C2 FAD H . 3.31 6.73 -10.93
O2 FAD H . 4.35 7.28 -11.06
N3 FAD H . 2.58 6.76 -9.63
C4 FAD H . 1.31 6.09 -9.47
O4 FAD H . 0.72 6.10 -8.43
C4X FAD H . 0.73 5.35 -10.65
N5 FAD H . -0.55 4.68 -10.56
C5X FAD H . -1.10 3.94 -11.72
C6 FAD H . -2.34 3.28 -11.60
C7 FAD H . -2.84 2.59 -12.70
C7M FAD H . -4.18 1.96 -12.30
C8 FAD H . -2.13 2.55 -13.91
C8M FAD H . -2.69 1.78 -15.13
C9 FAD H . -0.91 3.21 -14.03
C9A FAD H . -0.39 3.90 -12.94
N10 FAD H . 0.92 4.61 -13.04
C10 FAD H . 1.46 5.32 -11.90
C1' FAD H . 1.70 4.60 -14.28
C2' FAD H . 2.47 3.26 -14.33
O2' FAD H . 3.36 3.10 -13.27
C3' FAD H . 3.22 3.20 -15.66
O3' FAD H . 2.25 3.25 -16.66
C4' FAD H . 3.94 1.86 -15.75
O4' FAD H . 5.03 1.82 -14.88
C5' FAD H . 4.43 1.66 -17.18
O5' FAD H . 5.19 0.46 -17.21
P FAD H . 4.77 -0.57 -18.45
O1P FAD H . 3.26 -0.62 -18.56
O2P FAD H . 5.42 -1.94 -18.32
O3P FAD H . 5.37 0.13 -19.81
O5 DTC I . 0.68 9.49 -10.34
C10 DTC I . -0.56 8.69 -10.65
C9 DTC I . -0.82 8.31 -11.99
C8 DTC I . 0.17 8.66 -13.07
O17 DTC I . -0.14 8.53 -14.21
C7 DTC I . 1.52 9.05 -12.64
C15 DTC I . 2.55 9.62 -13.72
C6 DTC I . 1.62 9.88 -11.33
O16 DTC I . 2.42 10.72 -11.14
C1 DTC I . -1.97 7.58 -12.26
C2 DTC I . -2.86 7.26 -11.22
C3 DTC I . -2.59 7.65 -9.89
C4 DTC I . -1.44 8.37 -9.61
C5 DTC I . 2.32 14.56 -14.93
C20 DTC I . 2.43 13.21 -15.30
C19 DTC I . 2.55 12.88 -16.67
C18 DTC I . 2.55 13.88 -17.65
C17 DTC I . 2.45 15.22 -17.28
C16 DTC I . 2.32 15.55 -15.91
O21 DTC I . 2.67 11.44 -17.05
C12 DTC I . 2.50 10.35 -16.14
O32 DTC I . 2.69 9.23 -16.48
C13 DTC I . 2.05 10.76 -14.71
C14 DTC I . 2.40 12.12 -14.29
O38 DTC I . 2.61 12.39 -13.15
C ACT J . -2.07 -3.34 -16.73
O ACT J . -1.50 -2.22 -16.69
OXT ACT J . -1.52 -4.32 -16.11
CH3 ACT J . -3.36 -3.46 -17.52
C ACT K . 0.79 -17.35 14.27
O ACT K . 1.48 -16.74 15.12
OXT ACT K . 1.40 -17.65 13.23
CH3 ACT K . -0.65 -17.69 14.48
#